data_2N4Q
#
_entry.id   2N4Q
#
loop_
_entity.id
_entity.type
_entity.pdbx_description
1 polymer 'Chromobox protein homolog 8'
2 polymer 'Protein AF-9'
#
loop_
_entity_poly.entity_id
_entity_poly.type
_entity_poly.pdbx_seq_one_letter_code
_entity_poly.pdbx_strand_id
1 'polypeptide(L)' TQGGRPSLIARIPVARILGDPEEE A
2 'polypeptide(L)' MDKAYLDELVELHRRLMTLRERHILQQIVNLIEETGHFHITNTTFDFDLCSLDKTTVRKLQSYLETSGTS B
#
# COMPACT_ATOMS: atom_id res chain seq x y z
N THR A 1 -23.31 14.49 13.61
CA THR A 1 -22.98 15.29 14.84
C THR A 1 -21.51 15.08 15.19
N GLN A 2 -21.15 13.82 15.42
CA GLN A 2 -19.76 13.49 15.77
C GLN A 2 -19.43 12.08 15.34
N GLY A 3 -19.57 11.82 14.03
CA GLY A 3 -19.27 10.49 13.50
C GLY A 3 -17.78 10.31 13.29
N GLY A 4 -17.42 9.44 12.35
CA GLY A 4 -16.02 9.19 12.05
C GLY A 4 -15.85 8.59 10.66
N ARG A 5 -15.07 9.27 9.82
CA ARG A 5 -14.84 8.80 8.46
C ARG A 5 -13.48 9.28 7.96
N PRO A 6 -12.42 8.88 8.61
CA PRO A 6 -11.03 9.29 8.23
C PRO A 6 -10.57 8.59 6.95
N SER A 7 -9.69 9.26 6.21
CA SER A 7 -9.16 8.70 4.98
C SER A 7 -7.82 8.02 5.23
N LEU A 8 -7.75 6.72 4.96
CA LEU A 8 -6.52 5.98 5.17
C LEU A 8 -5.60 6.15 3.97
N ILE A 9 -4.57 6.99 4.14
CA ILE A 9 -3.61 7.23 3.08
C ILE A 9 -2.19 6.96 3.56
N ALA A 10 -1.38 6.36 2.69
CA ALA A 10 0.00 6.05 3.02
C ALA A 10 0.96 6.77 2.08
N ARG A 11 1.93 7.46 2.66
CA ARG A 11 2.92 8.20 1.88
C ARG A 11 4.25 7.47 1.89
N ILE A 12 4.79 7.21 0.70
CA ILE A 12 6.07 6.52 0.58
C ILE A 12 6.99 7.27 -0.38
N PRO A 13 7.83 8.15 0.13
CA PRO A 13 8.76 8.96 -0.71
C PRO A 13 9.49 8.09 -1.74
N VAL A 14 9.31 8.42 -3.01
CA VAL A 14 9.97 7.68 -4.08
C VAL A 14 11.44 7.47 -3.77
N ALA A 15 12.01 8.39 -2.99
CA ALA A 15 13.42 8.29 -2.61
C ALA A 15 13.69 6.98 -1.89
N ARG A 16 12.63 6.27 -1.53
CA ARG A 16 12.76 5.00 -0.83
C ARG A 16 12.66 3.83 -1.81
N ILE A 17 11.61 3.83 -2.62
CA ILE A 17 11.40 2.76 -3.58
C ILE A 17 12.30 2.96 -4.80
N LEU A 18 12.14 4.10 -5.47
CA LEU A 18 12.94 4.40 -6.65
C LEU A 18 14.40 4.62 -6.26
N GLY A 19 14.61 5.39 -5.20
CA GLY A 19 15.97 5.68 -4.74
C GLY A 19 16.66 6.66 -5.67
N ASP A 20 15.95 7.72 -6.05
CA ASP A 20 16.51 8.73 -6.93
C ASP A 20 15.79 10.07 -6.75
N PRO A 21 16.07 10.75 -5.66
CA PRO A 21 15.45 12.06 -5.36
C PRO A 21 16.13 13.21 -6.11
N GLU A 22 17.32 13.57 -5.66
CA GLU A 22 18.06 14.66 -6.30
C GLU A 22 19.53 14.29 -6.46
N GLU A 23 19.79 13.00 -6.68
CA GLU A 23 21.15 12.52 -6.86
C GLU A 23 22.10 13.22 -5.89
N GLU A 24 23.32 13.49 -6.36
CA GLU A 24 24.30 14.17 -5.52
C GLU A 24 24.91 15.35 -6.28
N MET B 1 -24.22 -2.96 8.58
CA MET B 1 -22.74 -3.08 8.67
C MET B 1 -22.14 -2.95 7.27
N ASP B 2 -20.90 -2.47 7.21
CA ASP B 2 -20.21 -2.30 5.93
C ASP B 2 -18.76 -1.91 6.16
N LYS B 3 -18.45 -1.46 7.37
CA LYS B 3 -17.07 -1.06 7.69
C LYS B 3 -16.12 -2.23 7.54
N ALA B 4 -16.68 -3.43 7.47
CA ALA B 4 -15.85 -4.64 7.32
C ALA B 4 -14.72 -4.38 6.32
N TYR B 5 -15.09 -3.96 5.12
CA TYR B 5 -14.10 -3.69 4.08
C TYR B 5 -13.00 -2.78 4.61
N LEU B 6 -13.39 -1.57 5.04
CA LEU B 6 -12.42 -0.62 5.56
C LEU B 6 -11.63 -1.23 6.71
N ASP B 7 -12.30 -2.05 7.52
CA ASP B 7 -11.65 -2.69 8.65
C ASP B 7 -10.44 -3.49 8.19
N GLU B 8 -10.63 -4.31 7.17
CA GLU B 8 -9.55 -5.12 6.64
C GLU B 8 -8.42 -4.24 6.13
N LEU B 9 -8.77 -3.25 5.30
CA LEU B 9 -7.78 -2.34 4.75
C LEU B 9 -6.88 -1.78 5.86
N VAL B 10 -7.52 -1.32 6.94
CA VAL B 10 -6.77 -0.77 8.06
C VAL B 10 -5.89 -1.83 8.70
N GLU B 11 -6.47 -2.98 9.00
CA GLU B 11 -5.72 -4.07 9.62
C GLU B 11 -4.56 -4.50 8.72
N LEU B 12 -4.82 -4.58 7.42
CA LEU B 12 -3.80 -4.98 6.47
C LEU B 12 -2.62 -4.00 6.51
N HIS B 13 -2.90 -2.74 6.17
CA HIS B 13 -1.86 -1.72 6.17
C HIS B 13 -1.15 -1.68 7.53
N ARG B 14 -1.92 -1.82 8.60
CA ARG B 14 -1.35 -1.80 9.95
C ARG B 14 -0.29 -2.88 10.09
N ARG B 15 -0.63 -4.10 9.70
CA ARG B 15 0.30 -5.21 9.79
C ARG B 15 1.55 -4.94 8.94
N LEU B 16 1.34 -4.37 7.76
CA LEU B 16 2.45 -4.06 6.87
C LEU B 16 3.34 -2.97 7.47
N MET B 17 2.73 -2.00 8.13
CA MET B 17 3.48 -0.91 8.75
C MET B 17 4.49 -1.46 9.75
N THR B 18 4.37 -2.75 10.06
CA THR B 18 5.28 -3.38 11.02
C THR B 18 6.36 -4.16 10.27
N LEU B 19 6.06 -4.59 9.06
CA LEU B 19 7.01 -5.35 8.26
C LEU B 19 8.33 -4.58 8.12
N ARG B 20 9.38 -5.29 7.74
CA ARG B 20 10.69 -4.68 7.57
C ARG B 20 11.30 -5.07 6.23
N GLU B 21 10.52 -5.76 5.41
CA GLU B 21 11.00 -6.21 4.10
C GLU B 21 10.80 -5.10 3.06
N ARG B 22 11.91 -4.54 2.60
CA ARG B 22 11.85 -3.48 1.60
C ARG B 22 11.49 -4.04 0.22
N HIS B 23 12.06 -5.21 -0.09
CA HIS B 23 11.79 -5.85 -1.38
C HIS B 23 10.29 -5.98 -1.61
N ILE B 24 9.60 -6.62 -0.66
CA ILE B 24 8.17 -6.80 -0.78
C ILE B 24 7.46 -5.47 -1.01
N LEU B 25 8.03 -4.40 -0.43
CA LEU B 25 7.44 -3.07 -0.57
C LEU B 25 7.49 -2.62 -2.03
N GLN B 26 8.61 -2.89 -2.69
CA GLN B 26 8.77 -2.51 -4.09
C GLN B 26 7.69 -3.17 -4.95
N GLN B 27 7.46 -4.46 -4.73
CA GLN B 27 6.47 -5.19 -5.49
C GLN B 27 5.09 -4.56 -5.31
N ILE B 28 4.74 -4.24 -4.06
CA ILE B 28 3.46 -3.63 -3.77
C ILE B 28 3.27 -2.36 -4.61
N VAL B 29 4.27 -1.49 -4.57
CA VAL B 29 4.21 -0.25 -5.32
C VAL B 29 3.73 -0.51 -6.75
N ASN B 30 4.30 -1.52 -7.39
CA ASN B 30 3.91 -1.87 -8.75
C ASN B 30 2.43 -2.20 -8.80
N LEU B 31 1.95 -2.90 -7.79
CA LEU B 31 0.53 -3.27 -7.74
C LEU B 31 -0.34 -2.02 -7.79
N ILE B 32 0.09 -0.98 -7.09
CA ILE B 32 -0.66 0.27 -7.07
C ILE B 32 -0.65 0.92 -8.44
N GLU B 33 0.47 0.80 -9.14
CA GLU B 33 0.60 1.38 -10.47
C GLU B 33 -0.21 0.59 -11.49
N GLU B 34 -0.39 -0.71 -11.22
CA GLU B 34 -1.14 -1.57 -12.12
C GLU B 34 -2.61 -1.13 -12.17
N THR B 35 -3.19 -0.85 -11.01
CA THR B 35 -4.58 -0.44 -10.94
C THR B 35 -4.73 1.00 -11.46
N GLY B 36 -3.62 1.57 -11.91
CA GLY B 36 -3.64 2.94 -12.44
C GLY B 36 -4.46 3.86 -11.55
N HIS B 37 -4.51 3.52 -10.26
CA HIS B 37 -5.25 4.33 -9.29
C HIS B 37 -4.36 4.76 -8.13
N PHE B 38 -3.89 6.01 -8.18
CA PHE B 38 -3.03 6.53 -7.13
C PHE B 38 -2.74 8.01 -7.37
N HIS B 39 -1.91 8.59 -6.50
CA HIS B 39 -1.56 10.00 -6.63
C HIS B 39 -0.07 10.21 -6.39
N ILE B 40 0.68 10.36 -7.48
CA ILE B 40 2.12 10.56 -7.37
C ILE B 40 2.46 12.04 -7.35
N THR B 41 3.24 12.46 -6.36
CA THR B 41 3.64 13.86 -6.24
C THR B 41 4.93 14.10 -7.01
N ASN B 42 5.11 15.34 -7.45
CA ASN B 42 6.30 15.71 -8.20
C ASN B 42 7.56 15.57 -7.35
N THR B 43 7.35 15.37 -6.05
CA THR B 43 8.47 15.22 -5.13
C THR B 43 8.18 14.14 -4.09
N THR B 44 7.14 13.35 -4.34
CA THR B 44 6.76 12.30 -3.41
C THR B 44 5.74 11.37 -4.06
N PHE B 45 5.51 10.22 -3.42
CA PHE B 45 4.56 9.24 -3.94
C PHE B 45 3.61 8.77 -2.84
N ASP B 46 2.32 9.01 -3.05
CA ASP B 46 1.31 8.61 -2.07
C ASP B 46 0.08 8.03 -2.75
N PHE B 47 -0.62 7.16 -2.04
CA PHE B 47 -1.83 6.54 -2.60
C PHE B 47 -2.80 6.17 -1.49
N ASP B 48 -4.09 6.28 -1.79
CA ASP B 48 -5.12 5.95 -0.81
C ASP B 48 -5.40 4.46 -0.80
N LEU B 49 -5.60 3.91 0.39
CA LEU B 49 -5.88 2.48 0.53
C LEU B 49 -7.34 2.19 0.23
N CYS B 50 -8.22 3.10 0.64
CA CYS B 50 -9.65 2.93 0.40
C CYS B 50 -10.00 3.27 -1.04
N SER B 51 -8.97 3.52 -1.86
CA SER B 51 -9.19 3.86 -3.26
C SER B 51 -8.85 2.67 -4.16
N LEU B 52 -7.95 1.82 -3.70
CA LEU B 52 -7.55 0.65 -4.46
C LEU B 52 -8.77 -0.23 -4.76
N ASP B 53 -8.60 -1.14 -5.71
CA ASP B 53 -9.67 -2.04 -6.08
C ASP B 53 -9.52 -3.39 -5.39
N LYS B 54 -10.56 -4.22 -5.47
CA LYS B 54 -10.53 -5.53 -4.85
C LYS B 54 -9.29 -6.29 -5.28
N THR B 55 -8.95 -6.18 -6.56
CA THR B 55 -7.77 -6.87 -7.10
C THR B 55 -6.54 -6.52 -6.28
N THR B 56 -6.25 -5.23 -6.16
CA THR B 56 -5.09 -4.78 -5.40
C THR B 56 -5.13 -5.34 -3.97
N VAL B 57 -6.18 -4.99 -3.23
CA VAL B 57 -6.33 -5.44 -1.86
C VAL B 57 -6.09 -6.95 -1.78
N ARG B 58 -6.59 -7.69 -2.76
CA ARG B 58 -6.42 -9.13 -2.78
C ARG B 58 -4.95 -9.52 -2.93
N LYS B 59 -4.26 -8.84 -3.84
CA LYS B 59 -2.85 -9.12 -4.07
C LYS B 59 -2.04 -8.82 -2.81
N LEU B 60 -2.43 -7.77 -2.10
CA LEU B 60 -1.73 -7.40 -0.87
C LEU B 60 -1.84 -8.50 0.17
N GLN B 61 -3.04 -9.06 0.31
CA GLN B 61 -3.27 -10.12 1.27
C GLN B 61 -2.38 -11.33 0.95
N SER B 62 -2.24 -11.63 -0.33
CA SER B 62 -1.42 -12.76 -0.75
C SER B 62 0.06 -12.47 -0.51
N TYR B 63 0.43 -11.20 -0.63
CA TYR B 63 1.82 -10.80 -0.44
C TYR B 63 2.27 -11.12 0.99
N LEU B 64 1.48 -10.70 1.96
CA LEU B 64 1.81 -10.95 3.36
C LEU B 64 1.82 -12.45 3.65
N GLU B 65 0.83 -13.15 3.12
CA GLU B 65 0.72 -14.59 3.33
C GLU B 65 1.82 -15.32 2.57
N THR B 66 2.18 -14.79 1.39
CA THR B 66 3.22 -15.39 0.56
C THR B 66 3.25 -16.91 0.73
N SER B 67 2.07 -17.51 0.77
CA SER B 67 1.96 -18.96 0.94
C SER B 67 1.72 -19.64 -0.40
N GLY B 68 2.80 -20.01 -1.07
CA GLY B 68 2.69 -20.68 -2.36
C GLY B 68 2.89 -22.18 -2.22
N THR B 69 4.10 -22.64 -2.51
CA THR B 69 4.40 -24.07 -2.41
C THR B 69 4.91 -24.40 -1.01
N SER B 70 4.41 -25.51 -0.46
CA SER B 70 4.82 -25.92 0.87
C SER B 70 4.75 -27.44 1.01
N THR A 1 -24.40 13.67 12.44
CA THR A 1 -23.15 13.13 13.04
C THR A 1 -21.96 13.96 12.55
N GLN A 2 -21.03 14.24 13.46
CA GLN A 2 -19.85 15.03 13.12
C GLN A 2 -18.62 14.13 13.00
N GLY A 3 -17.45 14.75 13.02
CA GLY A 3 -16.20 14.00 12.91
C GLY A 3 -15.75 13.90 11.45
N GLY A 4 -16.69 13.51 10.59
CA GLY A 4 -16.38 13.37 9.16
C GLY A 4 -16.27 11.91 8.76
N ARG A 5 -15.59 11.66 7.66
CA ARG A 5 -15.43 10.28 7.17
C ARG A 5 -14.02 9.77 7.45
N PRO A 6 -13.84 8.47 7.54
CA PRO A 6 -12.52 7.85 7.82
C PRO A 6 -11.55 8.05 6.65
N SER A 7 -10.26 8.09 6.97
CA SER A 7 -9.24 8.28 5.94
C SER A 7 -8.09 7.31 6.15
N LEU A 8 -7.49 6.85 5.06
CA LEU A 8 -6.38 5.92 5.13
C LEU A 8 -5.47 6.08 3.92
N ILE A 9 -4.35 6.80 4.10
CA ILE A 9 -3.40 7.03 3.03
C ILE A 9 -1.97 6.77 3.49
N ALA A 10 -1.16 6.19 2.62
CA ALA A 10 0.23 5.90 2.94
C ALA A 10 1.16 6.64 1.99
N ARG A 11 2.15 7.34 2.55
CA ARG A 11 3.10 8.08 1.75
C ARG A 11 4.45 7.37 1.74
N ILE A 12 4.94 7.07 0.54
CA ILE A 12 6.21 6.38 0.40
C ILE A 12 7.14 7.18 -0.53
N PRO A 13 7.92 8.08 0.02
CA PRO A 13 8.87 8.91 -0.79
C PRO A 13 9.67 8.08 -1.79
N VAL A 14 9.57 8.45 -3.06
CA VAL A 14 10.30 7.73 -4.11
C VAL A 14 11.72 7.42 -3.66
N ALA A 15 12.32 8.34 -2.93
CA ALA A 15 13.68 8.15 -2.45
C ALA A 15 13.83 6.80 -1.75
N ARG A 16 12.70 6.16 -1.49
CA ARG A 16 12.71 4.84 -0.83
C ARG A 16 12.61 3.73 -1.86
N ILE A 17 11.56 3.77 -2.67
CA ILE A 17 11.36 2.74 -3.69
C ILE A 17 12.33 2.93 -4.85
N LEU A 18 12.32 4.12 -5.44
CA LEU A 18 13.20 4.42 -6.55
C LEU A 18 14.66 4.46 -6.10
N GLY A 19 14.86 4.62 -4.79
CA GLY A 19 16.20 4.67 -4.24
C GLY A 19 16.71 3.27 -3.94
N ASP A 20 17.81 2.89 -4.59
CA ASP A 20 18.39 1.56 -4.38
C ASP A 20 19.90 1.67 -4.24
N PRO A 21 20.36 2.17 -3.12
CA PRO A 21 21.82 2.33 -2.85
C PRO A 21 22.61 1.06 -3.12
N GLU A 22 23.93 1.17 -3.15
CA GLU A 22 24.78 0.03 -3.41
C GLU A 22 26.17 0.24 -2.81
N GLU A 23 26.21 0.73 -1.58
CA GLU A 23 27.48 0.99 -0.91
C GLU A 23 28.48 1.63 -1.86
N GLU A 24 29.75 1.26 -1.71
CA GLU A 24 30.79 1.82 -2.58
C GLU A 24 32.10 1.07 -2.37
N MET B 1 -22.89 -0.74 7.60
CA MET B 1 -23.35 -1.65 6.52
C MET B 1 -22.17 -2.03 5.64
N ASP B 2 -21.02 -1.44 5.91
CA ASP B 2 -19.81 -1.72 5.14
C ASP B 2 -18.57 -1.42 5.96
N LYS B 3 -18.31 -2.24 6.97
CA LYS B 3 -17.16 -2.05 7.83
C LYS B 3 -16.06 -3.05 7.47
N ALA B 4 -16.45 -4.29 7.21
CA ALA B 4 -15.48 -5.32 6.86
C ALA B 4 -14.42 -4.78 5.92
N TYR B 5 -14.85 -4.27 4.77
CA TYR B 5 -13.93 -3.72 3.79
C TYR B 5 -12.93 -2.78 4.46
N LEU B 6 -13.45 -1.73 5.09
CA LEU B 6 -12.59 -0.76 5.77
C LEU B 6 -11.73 -1.46 6.82
N ASP B 7 -12.36 -2.28 7.65
CA ASP B 7 -11.64 -3.01 8.69
C ASP B 7 -10.46 -3.75 8.10
N GLU B 8 -10.71 -4.46 7.00
CA GLU B 8 -9.65 -5.22 6.34
C GLU B 8 -8.50 -4.30 5.92
N LEU B 9 -8.85 -3.22 5.23
CA LEU B 9 -7.84 -2.27 4.78
C LEU B 9 -6.99 -1.78 5.96
N VAL B 10 -7.65 -1.46 7.06
CA VAL B 10 -6.95 -1.00 8.25
C VAL B 10 -6.05 -2.09 8.80
N GLU B 11 -6.60 -3.28 8.97
CA GLU B 11 -5.83 -4.40 9.49
C GLU B 11 -4.59 -4.64 8.64
N LEU B 12 -4.75 -4.60 7.33
CA LEU B 12 -3.64 -4.81 6.42
C LEU B 12 -2.57 -3.74 6.62
N HIS B 13 -2.95 -2.49 6.44
CA HIS B 13 -2.01 -1.39 6.60
C HIS B 13 -1.29 -1.50 7.95
N ARG B 14 -2.03 -1.93 8.97
CA ARG B 14 -1.46 -2.07 10.30
C ARG B 14 -0.29 -3.05 10.28
N ARG B 15 -0.52 -4.23 9.71
CA ARG B 15 0.53 -5.25 9.63
C ARG B 15 1.69 -4.76 8.78
N LEU B 16 1.38 -3.98 7.75
CA LEU B 16 2.41 -3.45 6.86
C LEU B 16 3.39 -2.57 7.64
N MET B 17 2.84 -1.71 8.50
CA MET B 17 3.67 -0.81 9.28
C MET B 17 4.65 -1.60 10.15
N THR B 18 4.43 -2.91 10.24
CA THR B 18 5.29 -3.76 11.03
C THR B 18 6.35 -4.41 10.15
N LEU B 19 5.99 -4.70 8.90
CA LEU B 19 6.92 -5.31 7.97
C LEU B 19 8.18 -4.46 7.83
N ARG B 20 9.33 -5.12 7.66
CA ARG B 20 10.60 -4.42 7.52
C ARG B 20 11.31 -4.85 6.24
N GLU B 21 10.55 -5.42 5.31
CA GLU B 21 11.12 -5.87 4.05
C GLU B 21 10.84 -4.85 2.94
N ARG B 22 11.86 -4.06 2.62
CA ARG B 22 11.72 -3.05 1.57
C ARG B 22 11.46 -3.71 0.22
N HIS B 23 12.05 -4.89 0.03
CA HIS B 23 11.87 -5.62 -1.22
C HIS B 23 10.39 -5.83 -1.52
N ILE B 24 9.63 -6.15 -0.48
CA ILE B 24 8.20 -6.37 -0.64
C ILE B 24 7.49 -5.08 -1.06
N LEU B 25 8.00 -3.96 -0.57
CA LEU B 25 7.42 -2.67 -0.90
C LEU B 25 7.55 -2.38 -2.38
N GLN B 26 8.72 -2.69 -2.94
CA GLN B 26 8.97 -2.46 -4.36
C GLN B 26 7.90 -3.15 -5.21
N GLN B 27 7.68 -4.43 -4.95
CA GLN B 27 6.68 -5.20 -5.71
C GLN B 27 5.30 -4.57 -5.55
N ILE B 28 4.94 -4.20 -4.33
CA ILE B 28 3.65 -3.59 -4.07
C ILE B 28 3.46 -2.35 -4.94
N VAL B 29 4.43 -1.44 -4.87
CA VAL B 29 4.35 -0.21 -5.66
C VAL B 29 3.85 -0.49 -7.07
N ASN B 30 4.37 -1.57 -7.67
CA ASN B 30 3.96 -1.94 -9.02
C ASN B 30 2.47 -2.32 -9.03
N LEU B 31 2.04 -3.05 -8.03
CA LEU B 31 0.65 -3.47 -7.95
C LEU B 31 -0.27 -2.26 -7.97
N ILE B 32 0.17 -1.18 -7.33
CA ILE B 32 -0.62 0.04 -7.28
C ILE B 32 -0.63 0.72 -8.64
N GLU B 33 0.50 0.69 -9.33
CA GLU B 33 0.61 1.30 -10.64
C GLU B 33 -0.23 0.54 -11.66
N GLU B 34 -0.43 -0.75 -11.41
CA GLU B 34 -1.22 -1.58 -12.31
C GLU B 34 -2.68 -1.12 -12.34
N THR B 35 -3.25 -0.94 -11.16
CA THR B 35 -4.64 -0.50 -11.04
C THR B 35 -4.76 0.98 -11.43
N GLY B 36 -3.65 1.57 -11.83
CA GLY B 36 -3.64 2.97 -12.23
C GLY B 36 -4.43 3.83 -11.25
N HIS B 37 -4.50 3.38 -10.00
CA HIS B 37 -5.22 4.10 -8.96
C HIS B 37 -4.27 4.57 -7.86
N PHE B 38 -3.85 5.83 -7.95
CA PHE B 38 -2.94 6.40 -6.97
C PHE B 38 -2.72 7.88 -7.23
N HIS B 39 -1.85 8.50 -6.42
CA HIS B 39 -1.57 9.92 -6.58
C HIS B 39 -0.07 10.18 -6.39
N ILE B 40 0.64 10.35 -7.51
CA ILE B 40 2.06 10.62 -7.45
C ILE B 40 2.34 12.11 -7.38
N THR B 41 3.26 12.49 -6.51
CA THR B 41 3.61 13.89 -6.35
C THR B 41 4.85 14.23 -7.16
N ASN B 42 5.00 15.51 -7.50
CA ASN B 42 6.15 15.96 -8.28
C ASN B 42 7.45 15.62 -7.58
N THR B 43 7.39 15.46 -6.26
CA THR B 43 8.57 15.13 -5.47
C THR B 43 8.23 14.10 -4.39
N THR B 44 7.20 13.31 -4.63
CA THR B 44 6.79 12.29 -3.67
C THR B 44 5.79 11.33 -4.31
N PHE B 45 5.57 10.19 -3.65
CA PHE B 45 4.64 9.19 -4.16
C PHE B 45 3.74 8.69 -3.04
N ASP B 46 2.44 8.97 -3.16
CA ASP B 46 1.48 8.53 -2.15
C ASP B 46 0.23 7.97 -2.81
N PHE B 47 -0.41 7.02 -2.14
CA PHE B 47 -1.62 6.41 -2.67
C PHE B 47 -2.61 6.12 -1.55
N ASP B 48 -3.90 6.27 -1.85
CA ASP B 48 -4.94 6.03 -0.86
C ASP B 48 -5.29 4.55 -0.79
N LEU B 49 -5.48 4.06 0.44
CA LEU B 49 -5.84 2.65 0.63
C LEU B 49 -7.31 2.43 0.35
N CYS B 50 -8.13 3.41 0.71
CA CYS B 50 -9.56 3.31 0.49
C CYS B 50 -9.90 3.63 -0.96
N SER B 51 -8.88 3.72 -1.80
CA SER B 51 -9.08 4.02 -3.21
C SER B 51 -8.87 2.78 -4.06
N LEU B 52 -8.05 1.85 -3.54
CA LEU B 52 -7.77 0.62 -4.27
C LEU B 52 -8.99 -0.31 -4.28
N ASP B 53 -9.18 -1.01 -5.39
CA ASP B 53 -10.31 -1.92 -5.52
C ASP B 53 -9.98 -3.27 -4.89
N LYS B 54 -10.92 -4.21 -4.99
CA LYS B 54 -10.71 -5.53 -4.44
C LYS B 54 -9.56 -6.24 -5.14
N THR B 55 -9.24 -5.78 -6.35
CA THR B 55 -8.16 -6.39 -7.11
C THR B 55 -6.83 -6.21 -6.38
N THR B 56 -6.48 -4.97 -6.08
CA THR B 56 -5.23 -4.70 -5.39
C THR B 56 -5.28 -5.21 -3.96
N VAL B 57 -6.28 -4.76 -3.20
CA VAL B 57 -6.43 -5.18 -1.81
C VAL B 57 -6.20 -6.68 -1.68
N ARG B 58 -6.66 -7.44 -2.66
CA ARG B 58 -6.50 -8.89 -2.65
C ARG B 58 -5.04 -9.27 -2.83
N LYS B 59 -4.40 -8.67 -3.84
CA LYS B 59 -2.99 -8.97 -4.11
C LYS B 59 -2.12 -8.59 -2.91
N LEU B 60 -2.51 -7.54 -2.21
CA LEU B 60 -1.76 -7.09 -1.04
C LEU B 60 -1.89 -8.09 0.09
N GLN B 61 -3.11 -8.56 0.32
CA GLN B 61 -3.37 -9.52 1.38
C GLN B 61 -2.48 -10.75 1.20
N SER B 62 -2.30 -11.18 -0.04
CA SER B 62 -1.48 -12.34 -0.32
C SER B 62 -0.01 -12.02 -0.10
N TYR B 63 0.42 -10.85 -0.56
CA TYR B 63 1.81 -10.43 -0.40
C TYR B 63 2.27 -10.64 1.03
N LEU B 64 1.44 -10.22 1.99
CA LEU B 64 1.76 -10.37 3.40
C LEU B 64 1.67 -11.83 3.82
N GLU B 65 0.64 -12.52 3.33
CA GLU B 65 0.45 -13.92 3.66
C GLU B 65 1.37 -14.80 2.83
N THR B 66 2.15 -14.17 1.95
CA THR B 66 3.07 -14.91 1.10
C THR B 66 3.73 -16.04 1.88
N SER B 67 3.65 -17.25 1.33
CA SER B 67 4.23 -18.42 1.98
C SER B 67 4.25 -19.61 1.03
N GLY B 68 4.72 -19.38 -0.19
CA GLY B 68 4.79 -20.45 -1.18
C GLY B 68 4.92 -19.87 -2.59
N THR B 69 5.74 -20.51 -3.41
CA THR B 69 5.93 -20.06 -4.78
C THR B 69 4.93 -20.73 -5.71
N SER B 70 5.04 -20.43 -7.00
CA SER B 70 4.14 -21.02 -7.99
C SER B 70 4.15 -22.53 -7.89
N THR A 1 -23.50 14.47 8.08
CA THR A 1 -23.07 14.87 9.46
C THR A 1 -22.82 13.61 10.29
N GLN A 2 -23.90 12.95 10.68
CA GLN A 2 -23.79 11.73 11.49
C GLN A 2 -22.97 10.67 10.76
N GLY A 3 -22.49 9.69 11.50
CA GLY A 3 -21.69 8.62 10.92
C GLY A 3 -20.20 8.90 11.08
N GLY A 4 -19.40 8.35 10.17
CA GLY A 4 -17.95 8.54 10.21
C GLY A 4 -17.38 8.66 8.80
N ARG A 5 -16.36 9.49 8.65
CA ARG A 5 -15.73 9.68 7.35
C ARG A 5 -14.20 9.71 7.49
N PRO A 6 -13.62 8.64 7.97
CA PRO A 6 -12.14 8.55 8.16
C PRO A 6 -11.40 8.47 6.82
N SER A 7 -10.08 8.55 6.89
CA SER A 7 -9.25 8.48 5.69
C SER A 7 -8.03 7.59 5.91
N LEU A 8 -7.55 6.97 4.85
CA LEU A 8 -6.39 6.09 4.94
C LEU A 8 -5.44 6.32 3.76
N ILE A 9 -4.36 7.04 4.02
CA ILE A 9 -3.38 7.33 2.97
C ILE A 9 -1.97 6.97 3.43
N ALA A 10 -1.19 6.42 2.51
CA ALA A 10 0.18 6.03 2.81
C ALA A 10 1.17 6.83 1.99
N ARG A 11 2.13 7.45 2.67
CA ARG A 11 3.15 8.26 2.02
C ARG A 11 4.47 7.52 1.97
N ILE A 12 4.98 7.30 0.77
CA ILE A 12 6.25 6.61 0.60
C ILE A 12 7.12 7.36 -0.41
N PRO A 13 7.94 8.29 0.03
CA PRO A 13 8.81 9.08 -0.88
C PRO A 13 9.60 8.19 -1.83
N VAL A 14 9.48 8.49 -3.13
CA VAL A 14 10.19 7.71 -4.14
C VAL A 14 11.63 7.45 -3.71
N ALA A 15 12.23 8.45 -3.08
CA ALA A 15 13.62 8.32 -2.61
C ALA A 15 13.80 7.04 -1.81
N ARG A 16 12.70 6.39 -1.49
CA ARG A 16 12.74 5.14 -0.73
C ARG A 16 12.66 3.94 -1.66
N ILE A 17 11.63 3.92 -2.51
CA ILE A 17 11.45 2.81 -3.44
C ILE A 17 12.40 2.94 -4.62
N LEU A 18 12.31 4.05 -5.35
CA LEU A 18 13.17 4.29 -6.50
C LEU A 18 14.61 4.46 -6.04
N GLY A 19 14.80 4.74 -4.76
CA GLY A 19 16.15 4.93 -4.22
C GLY A 19 16.89 3.60 -4.19
N ASP A 20 18.04 3.55 -4.87
CA ASP A 20 18.84 2.33 -4.92
C ASP A 20 20.29 2.66 -5.20
N PRO A 21 20.93 3.39 -4.33
CA PRO A 21 22.36 3.79 -4.49
C PRO A 21 23.31 2.63 -4.20
N GLU A 22 22.78 1.41 -4.22
CA GLU A 22 23.59 0.23 -3.96
C GLU A 22 23.12 -0.95 -4.81
N GLU A 23 23.26 -0.81 -6.13
CA GLU A 23 22.85 -1.86 -7.04
C GLU A 23 23.48 -3.20 -6.65
N GLU A 24 23.17 -4.24 -7.41
CA GLU A 24 23.70 -5.57 -7.13
C GLU A 24 24.24 -6.21 -8.40
N MET B 1 -21.13 2.38 4.73
CA MET B 1 -21.47 1.26 3.80
C MET B 1 -21.21 -0.07 4.49
N ASP B 2 -19.94 -0.46 4.55
CA ASP B 2 -19.56 -1.72 5.18
C ASP B 2 -18.24 -1.56 5.92
N LYS B 3 -18.32 -1.35 7.23
CA LYS B 3 -17.12 -1.19 8.05
C LYS B 3 -16.16 -2.36 7.82
N ALA B 4 -16.71 -3.56 7.72
CA ALA B 4 -15.89 -4.74 7.50
C ALA B 4 -14.79 -4.45 6.48
N TYR B 5 -15.21 -4.16 5.24
CA TYR B 5 -14.25 -3.86 4.19
C TYR B 5 -13.19 -2.89 4.69
N LEU B 6 -13.64 -1.78 5.27
CA LEU B 6 -12.71 -0.78 5.78
C LEU B 6 -11.84 -1.37 6.89
N ASP B 7 -12.41 -2.29 7.65
CA ASP B 7 -11.67 -2.94 8.74
C ASP B 7 -10.46 -3.69 8.18
N GLU B 8 -10.68 -4.45 7.12
CA GLU B 8 -9.60 -5.21 6.50
C GLU B 8 -8.48 -4.29 6.03
N LEU B 9 -8.84 -3.29 5.23
CA LEU B 9 -7.85 -2.34 4.73
C LEU B 9 -6.98 -1.81 5.86
N VAL B 10 -7.62 -1.33 6.92
CA VAL B 10 -6.89 -0.80 8.06
C VAL B 10 -6.03 -1.89 8.69
N GLU B 11 -6.64 -3.05 8.93
CA GLU B 11 -5.92 -4.18 9.52
C GLU B 11 -4.68 -4.51 8.70
N LEU B 12 -4.82 -4.47 7.38
CA LEU B 12 -3.71 -4.77 6.49
C LEU B 12 -2.60 -3.73 6.65
N HIS B 13 -2.92 -2.48 6.35
CA HIS B 13 -1.94 -1.42 6.46
C HIS B 13 -1.24 -1.48 7.81
N ARG B 14 -2.00 -1.87 8.84
CA ARG B 14 -1.44 -1.97 10.19
C ARG B 14 -0.25 -2.93 10.22
N ARG B 15 -0.49 -4.17 9.80
CA ARG B 15 0.58 -5.17 9.78
C ARG B 15 1.69 -4.77 8.82
N LEU B 16 1.35 -3.96 7.83
CA LEU B 16 2.32 -3.52 6.85
C LEU B 16 3.37 -2.62 7.50
N MET B 17 2.92 -1.71 8.36
CA MET B 17 3.84 -0.80 9.04
C MET B 17 4.92 -1.58 9.77
N THR B 18 4.60 -2.80 10.18
CA THR B 18 5.55 -3.64 10.89
C THR B 18 6.39 -4.46 9.90
N LEU B 19 6.18 -4.20 8.61
CA LEU B 19 6.90 -4.92 7.58
C LEU B 19 8.28 -4.30 7.36
N ARG B 20 9.32 -5.11 7.55
CA ARG B 20 10.69 -4.63 7.37
C ARG B 20 11.19 -4.95 5.96
N GLU B 21 10.66 -6.02 5.39
CA GLU B 21 11.06 -6.42 4.04
C GLU B 21 10.86 -5.29 3.04
N ARG B 22 11.94 -4.61 2.70
CA ARG B 22 11.87 -3.50 1.76
C ARG B 22 11.64 -4.01 0.34
N HIS B 23 12.15 -5.20 0.07
CA HIS B 23 12.00 -5.80 -1.26
C HIS B 23 10.52 -5.96 -1.60
N ILE B 24 9.75 -6.50 -0.66
CA ILE B 24 8.32 -6.69 -0.87
C ILE B 24 7.64 -5.36 -1.15
N LEU B 25 8.15 -4.30 -0.53
CA LEU B 25 7.57 -2.97 -0.70
C LEU B 25 7.65 -2.54 -2.17
N GLN B 26 8.78 -2.87 -2.81
CA GLN B 26 8.97 -2.51 -4.21
C GLN B 26 7.90 -3.16 -5.09
N GLN B 27 7.62 -4.44 -4.83
CA GLN B 27 6.62 -5.17 -5.59
C GLN B 27 5.25 -4.52 -5.42
N ILE B 28 4.90 -4.21 -4.18
CA ILE B 28 3.61 -3.59 -3.89
C ILE B 28 3.47 -2.30 -4.70
N VAL B 29 4.47 -1.43 -4.60
CA VAL B 29 4.44 -0.16 -5.32
C VAL B 29 3.94 -0.38 -6.75
N ASN B 30 4.48 -1.41 -7.41
CA ASN B 30 4.08 -1.72 -8.78
C ASN B 30 2.59 -2.04 -8.84
N LEU B 31 2.10 -2.80 -7.87
CA LEU B 31 0.70 -3.15 -7.83
C LEU B 31 -0.15 -1.89 -7.93
N ILE B 32 0.01 -1.00 -6.96
CA ILE B 32 -0.76 0.25 -6.94
C ILE B 32 -0.74 0.91 -8.31
N GLU B 33 0.42 0.87 -8.97
CA GLU B 33 0.55 1.47 -10.29
C GLU B 33 -0.18 0.62 -11.32
N GLU B 34 -0.29 -0.67 -11.05
CA GLU B 34 -0.98 -1.58 -11.96
C GLU B 34 -2.44 -1.21 -12.09
N THR B 35 -3.10 -0.94 -10.97
CA THR B 35 -4.51 -0.58 -10.98
C THR B 35 -4.69 0.84 -11.52
N GLY B 36 -3.58 1.45 -11.94
CA GLY B 36 -3.63 2.80 -12.48
C GLY B 36 -4.43 3.74 -11.58
N HIS B 37 -4.48 3.40 -10.30
CA HIS B 37 -5.22 4.21 -9.34
C HIS B 37 -4.31 4.65 -8.19
N PHE B 38 -3.85 5.90 -8.25
CA PHE B 38 -2.97 6.42 -7.21
C PHE B 38 -2.71 7.92 -7.44
N HIS B 39 -1.85 8.49 -6.60
CA HIS B 39 -1.52 9.90 -6.72
C HIS B 39 -0.03 10.12 -6.52
N ILE B 40 0.70 10.29 -7.61
CA ILE B 40 2.13 10.50 -7.55
C ILE B 40 2.45 11.99 -7.54
N THR B 41 3.09 12.44 -6.46
CA THR B 41 3.45 13.85 -6.33
C THR B 41 4.74 14.13 -7.10
N ASN B 42 4.91 15.39 -7.52
CA ASN B 42 6.10 15.78 -8.27
C ASN B 42 7.34 15.71 -7.38
N THR B 43 7.13 15.47 -6.09
CA THR B 43 8.25 15.38 -5.16
C THR B 43 8.00 14.26 -4.15
N THR B 44 7.01 13.43 -4.42
CA THR B 44 6.66 12.32 -3.52
C THR B 44 5.67 11.39 -4.18
N PHE B 45 5.48 10.21 -3.57
CA PHE B 45 4.55 9.23 -4.11
C PHE B 45 3.65 8.69 -3.00
N ASP B 46 2.34 8.92 -3.14
CA ASP B 46 1.37 8.46 -2.15
C ASP B 46 0.12 7.90 -2.82
N PHE B 47 -0.64 7.12 -2.06
CA PHE B 47 -1.87 6.53 -2.60
C PHE B 47 -2.88 6.28 -1.49
N ASP B 48 -4.15 6.50 -1.80
CA ASP B 48 -5.22 6.30 -0.82
C ASP B 48 -5.64 4.83 -0.77
N LEU B 49 -5.33 4.16 0.34
CA LEU B 49 -5.69 2.76 0.50
C LEU B 49 -7.19 2.56 0.25
N CYS B 50 -7.98 3.57 0.60
CA CYS B 50 -9.43 3.49 0.39
C CYS B 50 -9.77 3.57 -1.09
N SER B 51 -8.78 3.93 -1.90
CA SER B 51 -8.98 4.04 -3.34
C SER B 51 -8.45 2.80 -4.06
N LEU B 52 -8.39 1.68 -3.35
CA LEU B 52 -7.89 0.44 -3.93
C LEU B 52 -9.05 -0.49 -4.29
N ASP B 53 -8.91 -1.18 -5.43
CA ASP B 53 -9.94 -2.10 -5.88
C ASP B 53 -9.80 -3.45 -5.20
N LYS B 54 -10.80 -4.30 -5.37
CA LYS B 54 -10.78 -5.62 -4.76
C LYS B 54 -9.53 -6.38 -5.19
N THR B 55 -9.19 -6.27 -6.48
CA THR B 55 -8.01 -6.95 -7.00
C THR B 55 -6.76 -6.57 -6.21
N THR B 56 -6.49 -5.26 -6.15
CA THR B 56 -5.34 -4.78 -5.41
C THR B 56 -5.33 -5.34 -3.98
N VAL B 57 -6.39 -5.06 -3.24
CA VAL B 57 -6.48 -5.55 -1.87
C VAL B 57 -6.21 -7.05 -1.80
N ARG B 58 -6.79 -7.81 -2.73
CA ARG B 58 -6.60 -9.25 -2.77
C ARG B 58 -5.12 -9.60 -2.97
N LYS B 59 -4.47 -8.90 -3.90
CA LYS B 59 -3.06 -9.16 -4.18
C LYS B 59 -2.21 -8.81 -2.97
N LEU B 60 -2.55 -7.72 -2.31
CA LEU B 60 -1.81 -7.28 -1.12
C LEU B 60 -1.90 -8.33 -0.03
N GLN B 61 -3.11 -8.88 0.17
CA GLN B 61 -3.32 -9.89 1.19
C GLN B 61 -2.42 -11.10 0.93
N SER B 62 -2.29 -11.47 -0.34
CA SER B 62 -1.46 -12.61 -0.71
C SER B 62 0.01 -12.28 -0.49
N TYR B 63 0.42 -11.09 -0.88
CA TYR B 63 1.81 -10.67 -0.71
C TYR B 63 2.29 -10.94 0.71
N LEU B 64 1.48 -10.57 1.69
CA LEU B 64 1.84 -10.78 3.09
C LEU B 64 1.87 -12.27 3.41
N GLU B 65 0.86 -13.00 2.95
CA GLU B 65 0.78 -14.43 3.20
C GLU B 65 2.07 -15.11 2.78
N THR B 66 2.31 -15.16 1.47
CA THR B 66 3.52 -15.79 0.94
C THR B 66 4.72 -14.85 1.09
N SER B 67 5.89 -15.44 1.32
CA SER B 67 7.11 -14.65 1.49
C SER B 67 8.20 -15.15 0.54
N GLY B 68 7.94 -16.28 -0.10
CA GLY B 68 8.90 -16.86 -1.04
C GLY B 68 10.32 -16.81 -0.47
N THR B 69 11.03 -15.71 -0.76
CA THR B 69 12.40 -15.55 -0.27
C THR B 69 13.24 -16.77 -0.64
N SER B 70 14.07 -16.60 -1.66
CA SER B 70 14.94 -17.69 -2.11
C SER B 70 15.83 -18.17 -0.96
N THR A 1 -22.92 7.78 13.64
CA THR A 1 -24.22 7.74 12.90
C THR A 1 -24.14 8.66 11.69
N GLN A 2 -23.19 9.59 11.72
CA GLN A 2 -23.02 10.53 10.62
C GLN A 2 -22.24 9.89 9.48
N GLY A 3 -20.99 9.50 9.77
CA GLY A 3 -20.15 8.86 8.76
C GLY A 3 -18.84 8.40 9.37
N GLY A 4 -18.69 7.08 9.49
CA GLY A 4 -17.47 6.51 10.06
C GLY A 4 -16.60 5.89 8.97
N ARG A 5 -15.89 6.73 8.23
CA ARG A 5 -15.02 6.25 7.17
C ARG A 5 -13.84 7.18 6.94
N PRO A 6 -12.94 7.25 7.89
CA PRO A 6 -11.74 8.11 7.81
C PRO A 6 -11.01 7.95 6.48
N SER A 7 -10.04 8.83 6.24
CA SER A 7 -9.26 8.77 5.00
C SER A 7 -7.89 8.15 5.25
N LEU A 8 -7.83 6.82 5.22
CA LEU A 8 -6.57 6.14 5.45
C LEU A 8 -5.67 6.24 4.23
N ILE A 9 -4.68 7.13 4.31
CA ILE A 9 -3.75 7.33 3.21
C ILE A 9 -2.32 7.06 3.65
N ALA A 10 -1.54 6.43 2.77
CA ALA A 10 -0.15 6.11 3.06
C ALA A 10 0.78 6.97 2.24
N ARG A 11 1.75 7.59 2.90
CA ARG A 11 2.72 8.45 2.22
C ARG A 11 4.10 7.83 2.29
N ILE A 12 4.57 7.26 1.18
CA ILE A 12 5.88 6.64 1.13
C ILE A 12 6.85 7.47 0.29
N PRO A 13 8.03 7.79 0.80
CA PRO A 13 9.03 8.60 0.02
C PRO A 13 9.69 7.80 -1.09
N VAL A 14 9.57 8.28 -2.33
CA VAL A 14 10.17 7.59 -3.47
C VAL A 14 11.62 7.25 -3.18
N ALA A 15 12.27 8.05 -2.33
CA ALA A 15 13.66 7.83 -1.99
C ALA A 15 13.85 6.41 -1.45
N ARG A 16 12.75 5.74 -1.14
CA ARG A 16 12.81 4.38 -0.62
C ARG A 16 12.57 3.37 -1.73
N ILE A 17 11.47 3.55 -2.46
CA ILE A 17 11.12 2.64 -3.55
C ILE A 17 12.01 2.90 -4.76
N LEU A 18 11.97 4.13 -5.27
CA LEU A 18 12.77 4.49 -6.42
C LEU A 18 14.25 4.49 -6.07
N GLY A 19 14.55 4.81 -4.82
CA GLY A 19 15.93 4.84 -4.36
C GLY A 19 16.61 6.14 -4.77
N ASP A 20 17.69 6.03 -5.54
CA ASP A 20 18.41 7.21 -5.99
C ASP A 20 19.33 6.87 -7.16
N PRO A 21 18.76 6.56 -8.29
CA PRO A 21 19.54 6.21 -9.51
C PRO A 21 20.66 7.22 -9.80
N GLU A 22 21.71 6.75 -10.46
CA GLU A 22 22.84 7.61 -10.77
C GLU A 22 23.45 7.22 -12.12
N GLU A 23 22.58 6.98 -13.11
CA GLU A 23 23.04 6.60 -14.44
C GLU A 23 24.28 7.40 -14.83
N GLU A 24 25.33 6.71 -15.24
CA GLU A 24 26.57 7.36 -15.64
C GLU A 24 26.62 7.55 -17.15
N MET B 1 -22.36 -1.87 8.97
CA MET B 1 -22.83 -1.05 7.81
C MET B 1 -21.65 -0.81 6.86
N ASP B 2 -21.34 -1.82 6.05
CA ASP B 2 -20.24 -1.70 5.09
C ASP B 2 -18.99 -1.15 5.79
N LYS B 3 -18.23 -2.04 6.41
CA LYS B 3 -17.01 -1.64 7.10
C LYS B 3 -15.93 -2.71 6.97
N ALA B 4 -16.33 -3.96 7.11
CA ALA B 4 -15.40 -5.08 7.01
C ALA B 4 -14.39 -4.83 5.89
N TYR B 5 -14.88 -4.30 4.77
CA TYR B 5 -14.01 -4.02 3.64
C TYR B 5 -12.94 -3.00 4.03
N LEU B 6 -13.37 -1.94 4.72
CA LEU B 6 -12.43 -0.91 5.15
C LEU B 6 -11.53 -1.42 6.28
N ASP B 7 -12.15 -2.10 7.24
CA ASP B 7 -11.39 -2.64 8.37
C ASP B 7 -10.18 -3.41 7.88
N GLU B 8 -10.39 -4.25 6.87
CA GLU B 8 -9.30 -5.05 6.32
C GLU B 8 -8.18 -4.15 5.82
N LEU B 9 -8.54 -3.18 4.98
CA LEU B 9 -7.56 -2.26 4.43
C LEU B 9 -6.70 -1.66 5.53
N VAL B 10 -7.36 -1.13 6.56
CA VAL B 10 -6.65 -0.52 7.68
C VAL B 10 -5.78 -1.55 8.38
N GLU B 11 -6.35 -2.72 8.63
CA GLU B 11 -5.62 -3.79 9.30
C GLU B 11 -4.41 -4.20 8.49
N LEU B 12 -4.59 -4.31 7.17
CA LEU B 12 -3.50 -4.70 6.29
C LEU B 12 -2.37 -3.68 6.35
N HIS B 13 -2.71 -2.41 6.13
CA HIS B 13 -1.71 -1.34 6.17
C HIS B 13 -1.07 -1.26 7.55
N ARG B 14 -1.88 -1.42 8.59
CA ARG B 14 -1.37 -1.34 9.95
C ARG B 14 -0.23 -2.33 10.15
N ARG B 15 -0.38 -3.53 9.61
CA ARG B 15 0.65 -4.55 9.73
C ARG B 15 1.90 -4.14 8.97
N LEU B 16 1.71 -3.62 7.76
CA LEU B 16 2.83 -3.20 6.94
C LEU B 16 3.77 -2.30 7.73
N MET B 17 3.20 -1.36 8.48
CA MET B 17 3.99 -0.45 9.29
C MET B 17 5.10 -1.20 10.01
N THR B 18 4.89 -2.50 10.21
CA THR B 18 5.87 -3.33 10.89
C THR B 18 6.82 -3.99 9.89
N LEU B 19 6.32 -4.22 8.68
CA LEU B 19 7.14 -4.85 7.65
C LEU B 19 8.35 -3.98 7.32
N ARG B 20 9.52 -4.59 7.31
CA ARG B 20 10.75 -3.87 7.01
C ARG B 20 11.26 -4.21 5.61
N GLU B 21 10.97 -5.44 5.17
CA GLU B 21 11.41 -5.87 3.85
C GLU B 21 11.11 -4.80 2.80
N ARG B 22 12.15 -4.05 2.43
CA ARG B 22 11.99 -2.99 1.44
C ARG B 22 11.72 -3.59 0.06
N HIS B 23 12.16 -4.82 -0.13
CA HIS B 23 11.95 -5.49 -1.41
C HIS B 23 10.47 -5.65 -1.70
N ILE B 24 9.76 -6.35 -0.81
CA ILE B 24 8.33 -6.55 -0.98
C ILE B 24 7.62 -5.23 -1.24
N LEU B 25 8.13 -4.17 -0.62
CA LEU B 25 7.54 -2.84 -0.81
C LEU B 25 7.52 -2.45 -2.28
N GLN B 26 8.67 -2.56 -2.93
CA GLN B 26 8.76 -2.21 -4.35
C GLN B 26 7.69 -2.95 -5.15
N GLN B 27 7.55 -4.24 -4.90
CA GLN B 27 6.55 -5.04 -5.60
C GLN B 27 5.14 -4.49 -5.36
N ILE B 28 4.85 -4.17 -4.11
CA ILE B 28 3.54 -3.63 -3.77
C ILE B 28 3.24 -2.41 -4.63
N VAL B 29 4.14 -1.43 -4.59
CA VAL B 29 3.96 -0.21 -5.37
C VAL B 29 3.49 -0.54 -6.78
N ASN B 30 4.08 -1.58 -7.37
CA ASN B 30 3.71 -1.99 -8.72
C ASN B 30 2.23 -2.34 -8.77
N LEU B 31 1.76 -3.06 -7.76
CA LEU B 31 0.37 -3.46 -7.71
C LEU B 31 -0.54 -2.24 -7.70
N ILE B 32 -0.11 -1.19 -7.02
CA ILE B 32 -0.90 0.04 -6.94
C ILE B 32 -0.92 0.73 -8.30
N GLU B 33 0.18 0.63 -9.03
CA GLU B 33 0.27 1.26 -10.33
C GLU B 33 -0.56 0.48 -11.35
N GLU B 34 -0.68 -0.83 -11.14
CA GLU B 34 -1.45 -1.68 -12.05
C GLU B 34 -2.91 -1.24 -12.08
N THR B 35 -3.47 -0.99 -10.91
CA THR B 35 -4.86 -0.56 -10.82
C THR B 35 -5.02 0.88 -11.28
N GLY B 36 -3.93 1.47 -11.75
CA GLY B 36 -3.96 2.84 -12.22
C GLY B 36 -4.65 3.75 -11.21
N HIS B 37 -4.61 3.35 -9.95
CA HIS B 37 -5.24 4.13 -8.88
C HIS B 37 -4.21 4.54 -7.83
N PHE B 38 -3.71 5.78 -7.94
CA PHE B 38 -2.73 6.28 -7.00
C PHE B 38 -2.44 7.76 -7.26
N HIS B 39 -1.54 8.32 -6.47
CA HIS B 39 -1.16 9.72 -6.63
C HIS B 39 0.34 9.90 -6.50
N ILE B 40 1.01 10.06 -7.64
CA ILE B 40 2.45 10.25 -7.65
C ILE B 40 2.81 11.72 -7.54
N THR B 41 3.53 12.07 -6.48
CA THR B 41 3.94 13.45 -6.27
C THR B 41 5.25 13.74 -6.99
N ASN B 42 5.48 15.00 -7.32
CA ASN B 42 6.69 15.40 -8.02
C ASN B 42 7.93 14.93 -7.26
N THR B 43 7.82 14.91 -5.93
CA THR B 43 8.95 14.48 -5.10
C THR B 43 8.47 13.55 -3.99
N THR B 44 7.39 12.82 -4.27
CA THR B 44 6.84 11.88 -3.29
C THR B 44 5.84 10.94 -3.95
N PHE B 45 5.49 9.86 -3.25
CA PHE B 45 4.54 8.88 -3.77
C PHE B 45 3.55 8.48 -2.70
N ASP B 46 2.30 8.93 -2.84
CA ASP B 46 1.26 8.61 -1.87
C ASP B 46 0.03 8.06 -2.59
N PHE B 47 -0.79 7.32 -1.85
CA PHE B 47 -2.00 6.75 -2.42
C PHE B 47 -2.98 6.35 -1.33
N ASP B 48 -4.27 6.37 -1.64
CA ASP B 48 -5.30 6.02 -0.67
C ASP B 48 -5.63 4.54 -0.74
N LEU B 49 -5.84 3.94 0.43
CA LEU B 49 -6.17 2.52 0.49
C LEU B 49 -7.63 2.30 0.10
N CYS B 50 -8.51 3.17 0.56
CA CYS B 50 -9.92 3.07 0.25
C CYS B 50 -10.17 3.40 -1.23
N SER B 51 -9.10 3.43 -2.01
CA SER B 51 -9.20 3.74 -3.43
C SER B 51 -8.84 2.52 -4.28
N LEU B 52 -7.99 1.66 -3.72
CA LEU B 52 -7.57 0.46 -4.43
C LEU B 52 -8.72 -0.54 -4.52
N ASP B 53 -9.10 -0.89 -5.75
CA ASP B 53 -10.19 -1.83 -5.97
C ASP B 53 -9.90 -3.14 -5.23
N LYS B 54 -10.97 -3.84 -4.86
CA LYS B 54 -10.82 -5.11 -4.16
C LYS B 54 -9.76 -5.98 -4.81
N THR B 55 -9.71 -5.94 -6.15
CA THR B 55 -8.74 -6.72 -6.88
C THR B 55 -7.34 -6.55 -6.29
N THR B 56 -6.88 -5.30 -6.22
CA THR B 56 -5.56 -5.02 -5.68
C THR B 56 -5.48 -5.50 -4.23
N VAL B 57 -6.44 -5.07 -3.41
CA VAL B 57 -6.46 -5.46 -2.00
C VAL B 57 -6.21 -6.96 -1.86
N ARG B 58 -6.86 -7.75 -2.69
CA ARG B 58 -6.70 -9.19 -2.64
C ARG B 58 -5.23 -9.58 -2.86
N LYS B 59 -4.63 -9.02 -3.90
CA LYS B 59 -3.24 -9.31 -4.20
C LYS B 59 -2.35 -9.01 -3.00
N LEU B 60 -2.52 -7.82 -2.43
CA LEU B 60 -1.74 -7.42 -1.27
C LEU B 60 -1.86 -8.44 -0.14
N GLN B 61 -3.09 -8.90 0.10
CA GLN B 61 -3.34 -9.89 1.14
C GLN B 61 -2.46 -11.11 0.93
N SER B 62 -2.30 -11.50 -0.33
CA SER B 62 -1.47 -12.66 -0.66
C SER B 62 0.00 -12.36 -0.44
N TYR B 63 0.42 -11.16 -0.85
CA TYR B 63 1.81 -10.76 -0.70
C TYR B 63 2.31 -11.05 0.72
N LEU B 64 1.55 -10.61 1.71
CA LEU B 64 1.93 -10.84 3.10
C LEU B 64 2.10 -12.33 3.37
N GLU B 65 1.15 -13.12 2.87
CA GLU B 65 1.20 -14.56 3.07
C GLU B 65 2.21 -15.20 2.12
N THR B 66 1.79 -15.39 0.87
CA THR B 66 2.66 -15.99 -0.14
C THR B 66 3.19 -14.93 -1.09
N SER B 67 4.29 -15.24 -1.76
CA SER B 67 4.90 -14.31 -2.71
C SER B 67 4.65 -14.77 -4.14
N GLY B 68 4.21 -13.83 -4.99
CA GLY B 68 3.93 -14.15 -6.38
C GLY B 68 3.88 -12.88 -7.22
N THR B 69 4.43 -12.96 -8.43
CA THR B 69 4.44 -11.81 -9.33
C THR B 69 3.99 -12.21 -10.73
N SER B 70 2.87 -12.93 -10.79
CA SER B 70 2.34 -13.38 -12.07
C SER B 70 0.81 -13.45 -12.03
N THR A 1 -16.80 10.77 18.27
CA THR A 1 -15.89 9.84 17.54
C THR A 1 -16.71 8.81 16.77
N GLN A 2 -17.90 9.22 16.35
CA GLN A 2 -18.78 8.33 15.60
C GLN A 2 -19.60 9.11 14.58
N GLY A 3 -19.20 9.02 13.31
CA GLY A 3 -19.91 9.74 12.25
C GLY A 3 -19.14 10.97 11.82
N GLY A 4 -18.06 10.75 11.06
CA GLY A 4 -17.24 11.86 10.58
C GLY A 4 -16.85 11.65 9.12
N ARG A 5 -15.54 11.55 8.88
CA ARG A 5 -15.05 11.35 7.53
C ARG A 5 -13.70 10.62 7.55
N PRO A 6 -13.73 9.36 7.92
CA PRO A 6 -12.49 8.53 8.00
C PRO A 6 -11.65 8.62 6.71
N SER A 7 -10.36 8.35 6.84
CA SER A 7 -9.46 8.41 5.70
C SER A 7 -8.24 7.53 5.94
N LEU A 8 -7.72 6.94 4.87
CA LEU A 8 -6.55 6.07 4.96
C LEU A 8 -5.63 6.27 3.77
N ILE A 9 -4.55 7.02 3.99
CA ILE A 9 -3.59 7.29 2.93
C ILE A 9 -2.16 7.03 3.41
N ALA A 10 -1.35 6.46 2.51
CA ALA A 10 0.04 6.16 2.85
C ALA A 10 0.99 6.86 1.87
N ARG A 11 2.00 7.53 2.43
CA ARG A 11 2.97 8.24 1.61
C ARG A 11 4.34 7.56 1.71
N ILE A 12 4.97 7.37 0.56
CA ILE A 12 6.29 6.73 0.53
C ILE A 12 7.20 7.44 -0.48
N PRO A 13 8.02 8.38 -0.03
CA PRO A 13 8.93 9.13 -0.93
C PRO A 13 9.67 8.21 -1.90
N VAL A 14 9.51 8.46 -3.19
CA VAL A 14 10.17 7.65 -4.22
C VAL A 14 11.64 7.47 -3.87
N ALA A 15 12.25 8.48 -3.26
CA ALA A 15 13.65 8.41 -2.88
C ALA A 15 13.93 7.14 -2.08
N ARG A 16 12.87 6.46 -1.68
CA ARG A 16 13.01 5.23 -0.91
C ARG A 16 12.91 4.01 -1.82
N ILE A 17 11.80 3.91 -2.54
CA ILE A 17 11.59 2.79 -3.44
C ILE A 17 12.50 2.91 -4.66
N LEU A 18 12.36 4.01 -5.39
CA LEU A 18 13.17 4.23 -6.58
C LEU A 18 14.60 4.59 -6.19
N GLY A 19 14.75 5.33 -5.11
CA GLY A 19 16.08 5.73 -4.65
C GLY A 19 16.57 4.78 -3.56
N ASP A 20 17.75 5.06 -3.04
CA ASP A 20 18.34 4.23 -1.99
C ASP A 20 19.59 4.87 -1.42
N PRO A 21 19.45 6.01 -0.80
CA PRO A 21 20.59 6.75 -0.19
C PRO A 21 21.52 5.83 0.60
N GLU A 22 22.79 6.21 0.68
CA GLU A 22 23.77 5.41 1.42
C GLU A 22 25.13 6.10 1.41
N GLU A 23 25.14 7.38 1.77
CA GLU A 23 26.38 8.15 1.81
C GLU A 23 27.30 7.60 2.90
N GLU A 24 26.77 6.72 3.73
CA GLU A 24 27.56 6.13 4.81
C GLU A 24 27.32 4.63 4.90
N MET B 1 -18.72 4.66 7.72
CA MET B 1 -18.26 4.05 9.00
C MET B 1 -17.50 2.76 8.70
N ASP B 2 -16.80 2.25 9.70
CA ASP B 2 -16.03 1.01 9.54
C ASP B 2 -16.85 -0.03 8.78
N LYS B 3 -16.17 -1.01 8.21
CA LYS B 3 -16.85 -2.06 7.47
C LYS B 3 -15.87 -3.18 7.11
N ALA B 4 -16.40 -4.39 7.00
CA ALA B 4 -15.57 -5.55 6.66
C ALA B 4 -14.53 -5.18 5.62
N TYR B 5 -14.87 -4.21 4.77
CA TYR B 5 -13.96 -3.77 3.73
C TYR B 5 -12.98 -2.74 4.30
N LEU B 6 -13.48 -1.84 5.13
CA LEU B 6 -12.64 -0.81 5.73
C LEU B 6 -11.80 -1.40 6.85
N ASP B 7 -12.45 -2.15 7.73
CA ASP B 7 -11.75 -2.77 8.85
C ASP B 7 -10.56 -3.58 8.34
N GLU B 8 -10.73 -4.23 7.20
CA GLU B 8 -9.67 -5.03 6.61
C GLU B 8 -8.53 -4.14 6.12
N LEU B 9 -8.89 -3.09 5.38
CA LEU B 9 -7.89 -2.17 4.86
C LEU B 9 -7.02 -1.63 5.99
N VAL B 10 -7.65 -1.31 7.12
CA VAL B 10 -6.93 -0.78 8.27
C VAL B 10 -5.98 -1.84 8.83
N GLU B 11 -6.48 -3.07 8.95
CA GLU B 11 -5.67 -4.16 9.46
C GLU B 11 -4.47 -4.42 8.56
N LEU B 12 -4.70 -4.30 7.24
CA LEU B 12 -3.64 -4.52 6.26
C LEU B 12 -2.51 -3.52 6.49
N HIS B 13 -2.84 -2.24 6.45
CA HIS B 13 -1.83 -1.20 6.65
C HIS B 13 -1.07 -1.43 7.95
N ARG B 14 -1.80 -1.80 9.00
CA ARG B 14 -1.19 -2.06 10.30
C ARG B 14 -0.12 -3.12 10.18
N ARG B 15 -0.50 -4.29 9.68
CA ARG B 15 0.45 -5.39 9.53
C ARG B 15 1.62 -4.97 8.65
N LEU B 16 1.31 -4.23 7.58
CA LEU B 16 2.34 -3.76 6.67
C LEU B 16 3.39 -2.95 7.42
N MET B 17 2.93 -2.05 8.28
CA MET B 17 3.84 -1.21 9.05
C MET B 17 4.71 -2.07 9.97
N THR B 18 4.46 -3.38 9.96
CA THR B 18 5.22 -4.30 10.79
C THR B 18 6.27 -5.02 9.95
N LEU B 19 6.05 -5.06 8.64
CA LEU B 19 6.99 -5.73 7.74
C LEU B 19 8.31 -4.96 7.68
N ARG B 20 9.40 -5.69 7.49
CA ARG B 20 10.72 -5.06 7.42
C ARG B 20 11.32 -5.24 6.03
N GLU B 21 11.08 -6.40 5.42
CA GLU B 21 11.60 -6.67 4.09
C GLU B 21 11.28 -5.52 3.15
N ARG B 22 12.33 -4.81 2.70
CA ARG B 22 12.14 -3.68 1.79
C ARG B 22 11.80 -4.17 0.39
N HIS B 23 12.42 -5.28 0.00
CA HIS B 23 12.18 -5.84 -1.32
C HIS B 23 10.69 -6.07 -1.55
N ILE B 24 9.98 -6.42 -0.48
CA ILE B 24 8.54 -6.67 -0.58
C ILE B 24 7.80 -5.36 -0.82
N LEU B 25 8.29 -4.28 -0.23
CA LEU B 25 7.65 -2.98 -0.40
C LEU B 25 7.68 -2.55 -1.86
N GLN B 26 8.79 -2.85 -2.54
CA GLN B 26 8.93 -2.49 -3.95
C GLN B 26 7.86 -3.17 -4.79
N GLN B 27 7.72 -4.49 -4.63
CA GLN B 27 6.73 -5.24 -5.39
C GLN B 27 5.33 -4.64 -5.17
N ILE B 28 5.02 -4.30 -3.93
CA ILE B 28 3.72 -3.72 -3.62
C ILE B 28 3.49 -2.45 -4.43
N VAL B 29 4.46 -1.54 -4.39
CA VAL B 29 4.36 -0.29 -5.13
C VAL B 29 3.87 -0.55 -6.55
N ASN B 30 4.40 -1.60 -7.17
CA ASN B 30 4.01 -1.95 -8.53
C ASN B 30 2.54 -2.31 -8.58
N LEU B 31 2.09 -3.08 -7.59
CA LEU B 31 0.68 -3.48 -7.54
C LEU B 31 -0.23 -2.26 -7.62
N ILE B 32 0.19 -1.17 -7.00
CA ILE B 32 -0.60 0.05 -7.00
C ILE B 32 -0.58 0.68 -8.39
N GLU B 33 0.59 0.70 -9.02
CA GLU B 33 0.73 1.27 -10.35
C GLU B 33 -0.09 0.47 -11.36
N GLU B 34 -0.31 -0.80 -11.05
CA GLU B 34 -1.07 -1.67 -11.94
C GLU B 34 -2.52 -1.20 -12.05
N THR B 35 -3.16 -0.95 -10.92
CA THR B 35 -4.54 -0.49 -10.91
C THR B 35 -4.63 0.96 -11.37
N GLY B 36 -3.48 1.52 -11.77
CA GLY B 36 -3.43 2.90 -12.24
C GLY B 36 -4.28 3.81 -11.35
N HIS B 37 -4.44 3.41 -10.09
CA HIS B 37 -5.23 4.20 -9.14
C HIS B 37 -4.35 4.68 -7.99
N PHE B 38 -3.89 5.93 -8.09
CA PHE B 38 -3.05 6.51 -7.05
C PHE B 38 -2.82 7.99 -7.31
N HIS B 39 -2.00 8.62 -6.48
CA HIS B 39 -1.70 10.04 -6.63
C HIS B 39 -0.21 10.30 -6.40
N ILE B 40 0.53 10.46 -7.50
CA ILE B 40 1.96 10.71 -7.39
C ILE B 40 2.25 12.20 -7.37
N THR B 41 3.01 12.64 -6.37
CA THR B 41 3.36 14.05 -6.25
C THR B 41 4.54 14.38 -7.15
N ASN B 42 4.65 15.66 -7.53
CA ASN B 42 5.74 16.10 -8.39
C ASN B 42 7.09 15.83 -7.73
N THR B 43 7.08 15.66 -6.41
CA THR B 43 8.31 15.41 -5.68
C THR B 43 8.08 14.34 -4.61
N THR B 44 7.06 13.53 -4.79
CA THR B 44 6.74 12.47 -3.84
C THR B 44 5.73 11.49 -4.43
N PHE B 45 5.56 10.36 -3.77
CA PHE B 45 4.61 9.34 -4.24
C PHE B 45 3.66 8.92 -3.11
N ASP B 46 2.36 9.09 -3.35
CA ASP B 46 1.35 8.74 -2.36
C ASP B 46 0.17 8.04 -3.02
N PHE B 47 -0.50 7.19 -2.26
CA PHE B 47 -1.66 6.47 -2.78
C PHE B 47 -2.64 6.15 -1.66
N ASP B 48 -3.93 6.26 -1.97
CA ASP B 48 -4.97 6.00 -0.97
C ASP B 48 -5.27 4.50 -0.88
N LEU B 49 -5.48 4.03 0.35
CA LEU B 49 -5.79 2.62 0.57
C LEU B 49 -7.26 2.35 0.29
N CYS B 50 -8.11 3.30 0.62
CA CYS B 50 -9.54 3.15 0.40
C CYS B 50 -9.89 3.41 -1.06
N SER B 51 -8.86 3.52 -1.90
CA SER B 51 -9.07 3.77 -3.33
C SER B 51 -8.75 2.52 -4.13
N LEU B 52 -7.89 1.68 -3.58
CA LEU B 52 -7.50 0.46 -4.26
C LEU B 52 -8.70 -0.48 -4.39
N ASP B 53 -8.99 -0.87 -5.62
CA ASP B 53 -10.11 -1.77 -5.88
C ASP B 53 -9.86 -3.12 -5.23
N LYS B 54 -10.94 -3.83 -4.88
CA LYS B 54 -10.82 -5.14 -4.28
C LYS B 54 -9.75 -5.96 -4.99
N THR B 55 -9.40 -5.55 -6.20
CA THR B 55 -8.40 -6.27 -6.98
C THR B 55 -7.04 -6.22 -6.31
N THR B 56 -6.57 -5.00 -6.05
CA THR B 56 -5.28 -4.82 -5.42
C THR B 56 -5.31 -5.38 -3.99
N VAL B 57 -6.21 -4.86 -3.16
CA VAL B 57 -6.31 -5.31 -1.78
C VAL B 57 -6.19 -6.83 -1.70
N ARG B 58 -6.88 -7.52 -2.60
CA ARG B 58 -6.82 -8.99 -2.62
C ARG B 58 -5.38 -9.46 -2.81
N LYS B 59 -4.73 -8.94 -3.84
CA LYS B 59 -3.35 -9.33 -4.12
C LYS B 59 -2.44 -8.97 -2.96
N LEU B 60 -2.55 -7.72 -2.50
CA LEU B 60 -1.74 -7.26 -1.38
C LEU B 60 -1.91 -8.18 -0.17
N GLN B 61 -3.15 -8.58 0.08
CA GLN B 61 -3.43 -9.47 1.20
C GLN B 61 -2.61 -10.75 1.08
N SER B 62 -2.53 -11.28 -0.13
CA SER B 62 -1.77 -12.50 -0.36
C SER B 62 -0.28 -12.25 -0.19
N TYR B 63 0.19 -11.10 -0.67
CA TYR B 63 1.60 -10.74 -0.56
C TYR B 63 2.09 -10.95 0.87
N LEU B 64 1.34 -10.41 1.82
CA LEU B 64 1.72 -10.53 3.22
C LEU B 64 1.76 -12.00 3.64
N GLU B 65 0.74 -12.76 3.23
CA GLU B 65 0.68 -14.18 3.57
C GLU B 65 1.95 -14.89 3.15
N THR B 66 2.12 -15.09 1.84
CA THR B 66 3.30 -15.76 1.33
C THR B 66 4.52 -14.85 1.42
N SER B 67 5.70 -15.46 1.46
CA SER B 67 6.95 -14.69 1.55
C SER B 67 8.06 -15.38 0.78
N GLY B 68 9.29 -14.89 0.98
CA GLY B 68 10.45 -15.48 0.30
C GLY B 68 11.06 -16.60 1.14
N THR B 69 11.30 -16.31 2.42
CA THR B 69 11.89 -17.30 3.31
C THR B 69 11.69 -16.88 4.77
N SER B 70 11.50 -17.87 5.64
CA SER B 70 11.29 -17.59 7.05
C SER B 70 12.63 -17.41 7.76
N THR A 1 -27.11 6.68 5.65
CA THR A 1 -26.17 7.36 6.60
C THR A 1 -25.32 8.35 5.83
N GLN A 2 -24.63 7.87 4.80
CA GLN A 2 -23.78 8.74 4.00
C GLN A 2 -22.92 9.63 4.90
N GLY A 3 -22.07 9.00 5.70
CA GLY A 3 -21.20 9.76 6.60
C GLY A 3 -19.82 9.98 5.98
N GLY A 4 -18.95 10.66 6.72
CA GLY A 4 -17.59 10.92 6.24
C GLY A 4 -16.68 9.75 6.55
N ARG A 5 -16.43 8.92 5.55
CA ARG A 5 -15.56 7.75 5.74
C ARG A 5 -14.14 8.18 6.10
N PRO A 6 -13.39 7.34 6.76
CA PRO A 6 -11.98 7.67 7.16
C PRO A 6 -11.05 7.75 5.95
N SER A 7 -10.24 8.80 5.92
CA SER A 7 -9.30 8.98 4.82
C SER A 7 -8.00 8.25 5.11
N LEU A 8 -7.90 7.00 4.66
CA LEU A 8 -6.71 6.21 4.88
C LEU A 8 -5.74 6.37 3.71
N ILE A 9 -4.72 7.20 3.91
CA ILE A 9 -3.72 7.45 2.87
C ILE A 9 -2.31 7.23 3.42
N ALA A 10 -1.46 6.64 2.60
CA ALA A 10 -0.08 6.38 3.00
C ALA A 10 0.90 7.00 2.01
N ARG A 11 1.90 7.68 2.55
CA ARG A 11 2.91 8.32 1.71
C ARG A 11 4.19 7.48 1.69
N ILE A 12 4.83 7.42 0.54
CA ILE A 12 6.05 6.65 0.39
C ILE A 12 7.07 7.42 -0.46
N PRO A 13 7.94 8.18 0.16
CA PRO A 13 8.97 8.98 -0.58
C PRO A 13 9.74 8.13 -1.59
N VAL A 14 9.69 8.52 -2.85
CA VAL A 14 10.38 7.80 -3.91
C VAL A 14 11.82 7.50 -3.50
N ALA A 15 12.42 8.44 -2.76
CA ALA A 15 13.79 8.28 -2.30
C ALA A 15 13.96 6.95 -1.59
N ARG A 16 12.86 6.26 -1.34
CA ARG A 16 12.90 4.98 -0.66
C ARG A 16 12.87 3.84 -1.67
N ILE A 17 11.84 3.82 -2.52
CA ILE A 17 11.69 2.77 -3.51
C ILE A 17 12.62 3.03 -4.70
N LEU A 18 12.47 4.19 -5.32
CA LEU A 18 13.30 4.54 -6.48
C LEU A 18 14.76 4.69 -6.06
N GLY A 19 14.98 4.91 -4.77
CA GLY A 19 16.33 5.07 -4.23
C GLY A 19 17.13 3.79 -4.42
N ASP A 20 18.43 3.85 -4.13
CA ASP A 20 19.29 2.69 -4.27
C ASP A 20 18.96 1.91 -5.54
N PRO A 21 19.11 2.55 -6.68
CA PRO A 21 18.82 1.93 -8.00
C PRO A 21 19.89 0.91 -8.40
N GLU A 22 21.08 1.05 -7.81
CA GLU A 22 22.18 0.14 -8.12
C GLU A 22 23.34 0.36 -7.16
N GLU A 23 23.07 0.21 -5.86
CA GLU A 23 24.10 0.41 -4.85
C GLU A 23 25.30 -0.48 -5.14
N GLU A 24 26.41 -0.20 -4.46
CA GLU A 24 27.63 -0.99 -4.66
C GLU A 24 27.81 -1.99 -3.53
N MET B 1 -20.87 -6.77 4.55
CA MET B 1 -21.03 -5.33 4.93
C MET B 1 -19.85 -4.53 4.37
N ASP B 2 -19.77 -3.27 4.77
CA ASP B 2 -18.68 -2.40 4.32
C ASP B 2 -17.52 -2.43 5.32
N LYS B 3 -17.86 -2.48 6.60
CA LYS B 3 -16.85 -2.52 7.64
C LYS B 3 -15.73 -3.49 7.27
N ALA B 4 -16.10 -4.74 7.04
CA ALA B 4 -15.13 -5.77 6.68
C ALA B 4 -14.09 -5.21 5.71
N TYR B 5 -14.54 -4.31 4.84
CA TYR B 5 -13.64 -3.70 3.86
C TYR B 5 -12.71 -2.69 4.54
N LEU B 6 -13.30 -1.65 5.12
CA LEU B 6 -12.53 -0.63 5.80
C LEU B 6 -11.66 -1.23 6.89
N ASP B 7 -12.25 -2.11 7.69
CA ASP B 7 -11.53 -2.76 8.78
C ASP B 7 -10.33 -3.53 8.23
N GLU B 8 -10.55 -4.27 7.14
CA GLU B 8 -9.49 -5.06 6.53
C GLU B 8 -8.34 -4.15 6.10
N LEU B 9 -8.66 -3.12 5.33
CA LEU B 9 -7.65 -2.18 4.85
C LEU B 9 -6.84 -1.62 6.01
N VAL B 10 -7.54 -1.13 7.03
CA VAL B 10 -6.87 -0.56 8.19
C VAL B 10 -5.91 -1.58 8.80
N GLU B 11 -6.39 -2.81 8.96
CA GLU B 11 -5.56 -3.86 9.53
C GLU B 11 -4.36 -4.15 8.64
N LEU B 12 -4.60 -4.20 7.33
CA LEU B 12 -3.54 -4.48 6.37
C LEU B 12 -2.36 -3.53 6.58
N HIS B 13 -2.64 -2.23 6.47
CA HIS B 13 -1.60 -1.24 6.65
C HIS B 13 -0.94 -1.37 8.01
N ARG B 14 -1.77 -1.44 9.05
CA ARG B 14 -1.27 -1.57 10.41
C ARG B 14 -0.19 -2.64 10.50
N ARG B 15 -0.46 -3.81 9.89
CA ARG B 15 0.49 -4.91 9.92
C ARG B 15 1.66 -4.61 8.97
N LEU B 16 1.33 -4.16 7.76
CA LEU B 16 2.36 -3.84 6.78
C LEU B 16 3.34 -2.82 7.34
N MET B 17 2.89 -2.03 8.31
CA MET B 17 3.74 -1.01 8.92
C MET B 17 4.77 -1.66 9.83
N THR B 18 4.44 -2.84 10.35
CA THR B 18 5.33 -3.56 11.24
C THR B 18 6.34 -4.38 10.46
N LEU B 19 6.01 -4.66 9.20
CA LEU B 19 6.91 -5.45 8.35
C LEU B 19 8.23 -4.72 8.14
N ARG B 20 9.24 -5.47 7.72
CA ARG B 20 10.57 -4.89 7.47
C ARG B 20 11.10 -5.32 6.11
N GLU B 21 10.24 -5.94 5.31
CA GLU B 21 10.64 -6.41 3.99
C GLU B 21 10.49 -5.27 2.96
N ARG B 22 11.60 -4.62 2.64
CA ARG B 22 11.59 -3.53 1.69
C ARG B 22 11.37 -4.05 0.28
N HIS B 23 11.87 -5.26 0.02
CA HIS B 23 11.73 -5.86 -1.30
C HIS B 23 10.25 -6.03 -1.66
N ILE B 24 9.48 -6.57 -0.73
CA ILE B 24 8.05 -6.77 -0.96
C ILE B 24 7.36 -5.44 -1.20
N LEU B 25 7.84 -4.39 -0.55
CA LEU B 25 7.26 -3.07 -0.71
C LEU B 25 7.38 -2.59 -2.15
N GLN B 26 8.50 -2.92 -2.79
CA GLN B 26 8.72 -2.53 -4.18
C GLN B 26 7.68 -3.17 -5.09
N GLN B 27 7.45 -4.47 -4.92
CA GLN B 27 6.49 -5.19 -5.73
C GLN B 27 5.09 -4.57 -5.58
N ILE B 28 4.75 -4.19 -4.36
CA ILE B 28 3.46 -3.59 -4.09
C ILE B 28 3.28 -2.33 -4.93
N VAL B 29 4.28 -1.46 -4.88
CA VAL B 29 4.23 -0.21 -5.64
C VAL B 29 3.68 -0.46 -7.04
N ASN B 30 4.18 -1.51 -7.69
CA ASN B 30 3.73 -1.85 -9.04
C ASN B 30 2.25 -2.19 -9.03
N LEU B 31 1.81 -2.91 -8.00
CA LEU B 31 0.41 -3.30 -7.88
C LEU B 31 -0.48 -2.06 -7.87
N ILE B 32 0.01 -0.99 -7.24
CA ILE B 32 -0.76 0.25 -7.15
C ILE B 32 -0.83 0.93 -8.52
N GLU B 33 0.26 0.84 -9.28
CA GLU B 33 0.31 1.44 -10.61
C GLU B 33 -0.59 0.68 -11.57
N GLU B 34 -0.72 -0.62 -11.35
CA GLU B 34 -1.57 -1.45 -12.21
C GLU B 34 -3.02 -0.98 -12.17
N THR B 35 -3.53 -0.78 -10.97
CA THR B 35 -4.91 -0.34 -10.80
C THR B 35 -5.05 1.13 -11.21
N GLY B 36 -3.96 1.71 -11.70
CA GLY B 36 -3.97 3.11 -12.12
C GLY B 36 -4.74 3.97 -11.14
N HIS B 37 -4.73 3.57 -9.86
CA HIS B 37 -5.44 4.31 -8.83
C HIS B 37 -4.47 4.78 -7.74
N PHE B 38 -4.01 6.02 -7.84
CA PHE B 38 -3.08 6.58 -6.86
C PHE B 38 -2.83 8.05 -7.14
N HIS B 39 -1.90 8.65 -6.39
CA HIS B 39 -1.58 10.05 -6.56
C HIS B 39 -0.08 10.28 -6.36
N ILE B 40 0.65 10.40 -7.46
CA ILE B 40 2.09 10.62 -7.38
C ILE B 40 2.41 12.11 -7.44
N THR B 41 3.22 12.57 -6.49
CA THR B 41 3.59 13.98 -6.43
C THR B 41 4.95 14.18 -7.11
N ASN B 42 5.16 15.38 -7.63
CA ASN B 42 6.42 15.70 -8.30
C ASN B 42 7.58 15.74 -7.31
N THR B 43 7.26 15.51 -6.03
CA THR B 43 8.28 15.53 -4.99
C THR B 43 8.06 14.39 -4.00
N THR B 44 7.07 13.55 -4.29
CA THR B 44 6.77 12.41 -3.42
C THR B 44 5.77 11.48 -4.09
N PHE B 45 5.60 10.29 -3.52
CA PHE B 45 4.67 9.31 -4.08
C PHE B 45 3.68 8.85 -3.01
N ASP B 46 2.41 9.21 -3.17
CA ASP B 46 1.38 8.83 -2.22
C ASP B 46 0.24 8.10 -2.92
N PHE B 47 -0.52 7.33 -2.15
CA PHE B 47 -1.63 6.58 -2.70
C PHE B 47 -2.66 6.27 -1.62
N ASP B 48 -3.93 6.29 -2.00
CA ASP B 48 -5.01 6.01 -1.05
C ASP B 48 -5.28 4.52 -0.95
N LEU B 49 -5.50 4.05 0.28
CA LEU B 49 -5.79 2.64 0.51
C LEU B 49 -7.26 2.36 0.21
N CYS B 50 -8.11 3.34 0.50
CA CYS B 50 -9.54 3.18 0.25
C CYS B 50 -9.84 3.35 -1.24
N SER B 51 -8.80 3.59 -2.02
CA SER B 51 -8.97 3.76 -3.47
C SER B 51 -8.61 2.47 -4.20
N LEU B 52 -7.86 1.62 -3.53
CA LEU B 52 -7.46 0.34 -4.13
C LEU B 52 -8.63 -0.62 -4.18
N ASP B 53 -9.05 -0.96 -5.39
CA ASP B 53 -10.17 -1.88 -5.57
C ASP B 53 -9.93 -3.17 -4.80
N LYS B 54 -10.75 -4.18 -5.07
CA LYS B 54 -10.62 -5.46 -4.40
C LYS B 54 -9.44 -6.25 -4.96
N THR B 55 -9.19 -6.08 -6.25
CA THR B 55 -8.08 -6.77 -6.91
C THR B 55 -6.78 -6.53 -6.16
N THR B 56 -6.42 -5.26 -6.01
CA THR B 56 -5.18 -4.90 -5.31
C THR B 56 -5.21 -5.41 -3.87
N VAL B 57 -6.23 -4.99 -3.11
CA VAL B 57 -6.35 -5.40 -1.72
C VAL B 57 -6.10 -6.90 -1.58
N ARG B 58 -6.64 -7.68 -2.53
CA ARG B 58 -6.47 -9.12 -2.50
C ARG B 58 -5.01 -9.49 -2.75
N LYS B 59 -4.40 -8.85 -3.74
CA LYS B 59 -3.01 -9.13 -4.07
C LYS B 59 -2.11 -8.89 -2.85
N LEU B 60 -2.46 -7.88 -2.05
CA LEU B 60 -1.68 -7.56 -0.87
C LEU B 60 -1.78 -8.68 0.15
N GLN B 61 -3.00 -9.11 0.45
CA GLN B 61 -3.22 -10.18 1.41
C GLN B 61 -2.38 -11.40 1.05
N SER B 62 -2.19 -11.62 -0.24
CA SER B 62 -1.40 -12.76 -0.71
C SER B 62 0.09 -12.50 -0.49
N TYR B 63 0.54 -11.31 -0.86
CA TYR B 63 1.94 -10.95 -0.69
C TYR B 63 2.42 -11.32 0.71
N LEU B 64 1.63 -10.97 1.71
CA LEU B 64 2.00 -11.27 3.09
C LEU B 64 2.07 -12.78 3.31
N GLU B 65 1.21 -13.51 2.61
CA GLU B 65 1.17 -14.96 2.73
C GLU B 65 2.27 -15.60 1.87
N THR B 66 1.98 -15.78 0.59
CA THR B 66 2.94 -16.38 -0.32
C THR B 66 3.95 -15.34 -0.79
N SER B 67 4.95 -15.79 -1.56
CA SER B 67 5.97 -14.90 -2.06
C SER B 67 6.48 -13.98 -0.96
N GLY B 68 7.33 -14.52 -0.09
CA GLY B 68 7.88 -13.73 1.01
C GLY B 68 8.55 -14.65 2.05
N THR B 69 9.49 -15.46 1.59
CA THR B 69 10.20 -16.37 2.49
C THR B 69 11.60 -15.85 2.80
N SER B 70 11.93 -15.81 4.08
CA SER B 70 13.24 -15.32 4.50
C SER B 70 13.78 -16.15 5.66
N THR A 1 -15.05 0.74 15.99
CA THR A 1 -15.56 1.90 16.78
C THR A 1 -15.92 3.05 15.84
N GLN A 2 -16.45 4.12 16.39
CA GLN A 2 -16.83 5.28 15.59
C GLN A 2 -17.52 4.84 14.30
N GLY A 3 -16.81 4.99 13.19
CA GLY A 3 -17.37 4.60 11.89
C GLY A 3 -18.07 5.78 11.23
N GLY A 4 -17.74 6.03 9.96
CA GLY A 4 -18.35 7.13 9.23
C GLY A 4 -17.67 7.31 7.87
N ARG A 5 -16.71 8.24 7.82
CA ARG A 5 -15.99 8.50 6.58
C ARG A 5 -14.53 8.83 6.86
N PRO A 6 -13.83 7.94 7.53
CA PRO A 6 -12.40 8.13 7.87
C PRO A 6 -11.50 8.03 6.65
N SER A 7 -10.31 8.63 6.73
CA SER A 7 -9.36 8.60 5.62
C SER A 7 -8.28 7.56 5.87
N LEU A 8 -7.61 7.14 4.80
CA LEU A 8 -6.55 6.15 4.91
C LEU A 8 -5.58 6.29 3.75
N ILE A 9 -4.44 6.93 4.00
CA ILE A 9 -3.42 7.12 2.97
C ILE A 9 -2.03 6.78 3.50
N ALA A 10 -1.22 6.17 2.65
CA ALA A 10 0.14 5.80 3.02
C ALA A 10 1.15 6.48 2.11
N ARG A 11 2.13 7.14 2.72
CA ARG A 11 3.16 7.83 1.96
C ARG A 11 4.40 6.94 1.82
N ILE A 12 4.91 6.85 0.60
CA ILE A 12 6.09 6.03 0.32
C ILE A 12 7.12 6.84 -0.46
N PRO A 13 8.00 7.54 0.21
CA PRO A 13 9.05 8.36 -0.45
C PRO A 13 9.81 7.58 -1.51
N VAL A 14 9.77 8.06 -2.74
CA VAL A 14 10.46 7.41 -3.85
C VAL A 14 11.92 7.16 -3.48
N ALA A 15 12.47 8.02 -2.65
CA ALA A 15 13.86 7.88 -2.22
C ALA A 15 14.11 6.48 -1.67
N ARG A 16 13.03 5.75 -1.41
CA ARG A 16 13.15 4.39 -0.88
C ARG A 16 13.03 3.37 -2.00
N ILE A 17 11.91 3.41 -2.71
CA ILE A 17 11.68 2.47 -3.81
C ILE A 17 12.63 2.77 -4.97
N LEU A 18 12.56 3.98 -5.50
CA LEU A 18 13.42 4.36 -6.61
C LEU A 18 14.88 4.43 -6.16
N GLY A 19 15.12 5.15 -5.08
CA GLY A 19 16.48 5.29 -4.56
C GLY A 19 17.24 6.38 -5.31
N ASP A 20 18.30 5.99 -6.00
CA ASP A 20 19.10 6.95 -6.75
C ASP A 20 20.05 6.22 -7.70
N PRO A 21 19.53 5.69 -8.77
CA PRO A 21 20.32 4.96 -9.79
C PRO A 21 21.52 5.77 -10.27
N GLU A 22 22.73 5.25 -10.04
CA GLU A 22 23.94 5.94 -10.46
C GLU A 22 25.05 4.93 -10.76
N GLU A 23 24.73 3.94 -11.58
CA GLU A 23 25.70 2.92 -11.95
C GLU A 23 26.80 3.52 -12.84
N GLU A 24 26.63 4.79 -13.19
CA GLU A 24 27.60 5.46 -14.04
C GLU A 24 28.49 6.39 -13.21
N MET B 1 -21.37 -5.24 1.16
CA MET B 1 -20.37 -4.88 2.21
C MET B 1 -20.90 -3.70 3.01
N ASP B 2 -20.25 -3.43 4.15
CA ASP B 2 -20.67 -2.32 5.01
C ASP B 2 -19.48 -1.74 5.76
N LYS B 3 -18.71 -2.61 6.40
CA LYS B 3 -17.53 -2.18 7.15
C LYS B 3 -16.38 -3.14 6.94
N ALA B 4 -16.70 -4.43 6.79
CA ALA B 4 -15.68 -5.45 6.59
C ALA B 4 -14.60 -4.95 5.64
N TYR B 5 -15.00 -4.60 4.43
CA TYR B 5 -14.05 -4.09 3.44
C TYR B 5 -13.14 -3.05 4.06
N LEU B 6 -13.74 -2.06 4.74
CA LEU B 6 -12.97 -1.01 5.38
C LEU B 6 -12.08 -1.58 6.47
N ASP B 7 -12.62 -2.55 7.21
CA ASP B 7 -11.87 -3.17 8.29
C ASP B 7 -10.61 -3.86 7.74
N GLU B 8 -10.77 -4.58 6.63
CA GLU B 8 -9.65 -5.27 6.02
C GLU B 8 -8.55 -4.28 5.64
N LEU B 9 -8.96 -3.14 5.10
CA LEU B 9 -8.00 -2.12 4.70
C LEU B 9 -7.23 -1.59 5.90
N VAL B 10 -7.96 -1.25 6.95
CA VAL B 10 -7.34 -0.74 8.17
C VAL B 10 -6.40 -1.78 8.77
N GLU B 11 -6.86 -3.03 8.80
CA GLU B 11 -6.06 -4.11 9.35
C GLU B 11 -4.78 -4.28 8.55
N LEU B 12 -4.91 -4.24 7.23
CA LEU B 12 -3.75 -4.39 6.36
C LEU B 12 -2.70 -3.32 6.68
N HIS B 13 -3.15 -2.07 6.75
CA HIS B 13 -2.24 -0.97 7.04
C HIS B 13 -1.47 -1.25 8.33
N ARG B 14 -2.19 -1.66 9.36
CA ARG B 14 -1.56 -1.95 10.65
C ARG B 14 -0.46 -2.99 10.49
N ARG B 15 -0.77 -4.07 9.79
CA ARG B 15 0.21 -5.13 9.57
C ARG B 15 1.34 -4.64 8.67
N LEU B 16 0.98 -3.92 7.61
CA LEU B 16 1.96 -3.40 6.68
C LEU B 16 2.93 -2.46 7.40
N MET B 17 2.39 -1.58 8.23
CA MET B 17 3.23 -0.63 8.96
C MET B 17 4.31 -1.37 9.74
N THR B 18 4.20 -2.69 9.78
CA THR B 18 5.19 -3.51 10.49
C THR B 18 6.21 -4.09 9.53
N LEU B 19 5.85 -4.15 8.24
CA LEU B 19 6.74 -4.68 7.24
C LEU B 19 7.92 -3.74 7.01
N ARG B 20 9.11 -4.31 6.87
CA ARG B 20 10.32 -3.52 6.65
C ARG B 20 10.99 -3.93 5.34
N GLU B 21 10.86 -5.21 4.99
CA GLU B 21 11.45 -5.71 3.75
C GLU B 21 11.19 -4.75 2.60
N ARG B 22 12.25 -4.21 2.03
CA ARG B 22 12.12 -3.28 0.91
C ARG B 22 11.76 -4.03 -0.37
N HIS B 23 12.42 -5.16 -0.59
CA HIS B 23 12.16 -5.96 -1.79
C HIS B 23 10.65 -6.09 -2.02
N ILE B 24 9.96 -6.62 -1.02
CA ILE B 24 8.50 -6.80 -1.12
C ILE B 24 7.83 -5.47 -1.42
N LEU B 25 8.38 -4.38 -0.87
CA LEU B 25 7.82 -3.06 -1.09
C LEU B 25 7.83 -2.70 -2.57
N GLN B 26 8.94 -3.01 -3.24
CA GLN B 26 9.07 -2.71 -4.66
C GLN B 26 7.96 -3.40 -5.45
N GLN B 27 7.76 -4.68 -5.20
CA GLN B 27 6.73 -5.45 -5.89
C GLN B 27 5.36 -4.82 -5.69
N ILE B 28 5.09 -4.39 -4.46
CA ILE B 28 3.80 -3.76 -4.15
C ILE B 28 3.58 -2.54 -5.03
N VAL B 29 4.57 -1.67 -5.09
CA VAL B 29 4.47 -0.47 -5.90
C VAL B 29 3.88 -0.80 -7.27
N ASN B 30 4.36 -1.87 -7.86
CA ASN B 30 3.87 -2.30 -9.17
C ASN B 30 2.39 -2.62 -9.10
N LEU B 31 2.00 -3.39 -8.09
CA LEU B 31 0.60 -3.76 -7.93
C LEU B 31 -0.29 -2.52 -7.94
N ILE B 32 0.20 -1.45 -7.31
CA ILE B 32 -0.56 -0.21 -7.25
C ILE B 32 -0.61 0.44 -8.63
N GLU B 33 0.54 0.52 -9.27
CA GLU B 33 0.62 1.13 -10.60
C GLU B 33 -0.28 0.37 -11.57
N GLU B 34 -0.55 -0.88 -11.26
CA GLU B 34 -1.41 -1.70 -12.11
C GLU B 34 -2.83 -1.17 -12.12
N THR B 35 -3.39 -0.97 -10.93
CA THR B 35 -4.76 -0.46 -10.81
C THR B 35 -4.81 1.02 -11.16
N GLY B 36 -3.67 1.57 -11.59
CA GLY B 36 -3.60 2.97 -11.96
C GLY B 36 -4.38 3.83 -10.98
N HIS B 37 -4.47 3.38 -9.74
CA HIS B 37 -5.19 4.13 -8.70
C HIS B 37 -4.24 4.58 -7.60
N PHE B 38 -3.83 5.84 -7.66
CA PHE B 38 -2.92 6.40 -6.66
C PHE B 38 -2.71 7.89 -6.90
N HIS B 39 -1.85 8.50 -6.08
CA HIS B 39 -1.57 9.92 -6.21
C HIS B 39 -0.07 10.17 -6.05
N ILE B 40 0.62 10.37 -7.17
CA ILE B 40 2.05 10.62 -7.13
C ILE B 40 2.33 12.11 -6.98
N THR B 41 3.09 12.46 -5.96
CA THR B 41 3.44 13.86 -5.71
C THR B 41 4.63 14.27 -6.57
N ASN B 42 4.75 15.57 -6.83
CA ASN B 42 5.84 16.09 -7.65
C ASN B 42 7.19 15.78 -7.01
N THR B 43 7.19 15.59 -5.69
CA THR B 43 8.42 15.28 -4.97
C THR B 43 8.18 14.14 -3.99
N THR B 44 7.17 13.32 -4.26
CA THR B 44 6.86 12.19 -3.39
C THR B 44 5.86 11.25 -4.06
N PHE B 45 5.68 10.08 -3.47
CA PHE B 45 4.75 9.09 -4.03
C PHE B 45 3.84 8.53 -2.93
N ASP B 46 2.55 8.82 -3.04
CA ASP B 46 1.58 8.33 -2.07
C ASP B 46 0.37 7.72 -2.75
N PHE B 47 -0.31 6.83 -2.06
CA PHE B 47 -1.48 6.17 -2.62
C PHE B 47 -2.53 5.96 -1.53
N ASP B 48 -3.80 6.16 -1.90
CA ASP B 48 -4.89 6.00 -0.95
C ASP B 48 -5.32 4.54 -0.86
N LEU B 49 -5.53 4.06 0.36
CA LEU B 49 -5.94 2.67 0.58
C LEU B 49 -7.41 2.50 0.24
N CYS B 50 -8.22 3.48 0.61
CA CYS B 50 -9.65 3.41 0.33
C CYS B 50 -9.92 3.63 -1.15
N SER B 51 -8.84 3.69 -1.94
CA SER B 51 -8.98 3.90 -3.39
C SER B 51 -8.66 2.62 -4.14
N LEU B 52 -7.91 1.74 -3.51
CA LEU B 52 -7.54 0.47 -4.13
C LEU B 52 -8.74 -0.47 -4.17
N ASP B 53 -9.08 -0.93 -5.36
CA ASP B 53 -10.19 -1.85 -5.53
C ASP B 53 -9.89 -3.16 -4.82
N LYS B 54 -10.94 -3.85 -4.37
CA LYS B 54 -10.77 -5.14 -3.70
C LYS B 54 -9.73 -6.00 -4.41
N THR B 55 -9.45 -5.64 -5.66
CA THR B 55 -8.49 -6.41 -6.46
C THR B 55 -7.09 -6.27 -5.88
N THR B 56 -6.61 -5.04 -5.78
CA THR B 56 -5.29 -4.79 -5.24
C THR B 56 -5.22 -5.24 -3.78
N VAL B 57 -6.26 -4.90 -3.01
CA VAL B 57 -6.29 -5.27 -1.61
C VAL B 57 -5.99 -6.75 -1.43
N ARG B 58 -6.65 -7.58 -2.24
CA ARG B 58 -6.44 -9.02 -2.15
C ARG B 58 -4.99 -9.37 -2.46
N LYS B 59 -4.44 -8.74 -3.49
CA LYS B 59 -3.06 -8.98 -3.88
C LYS B 59 -2.11 -8.57 -2.77
N LEU B 60 -2.39 -7.43 -2.16
CA LEU B 60 -1.55 -6.92 -1.08
C LEU B 60 -1.66 -7.80 0.16
N GLN B 61 -2.88 -8.25 0.43
CA GLN B 61 -3.12 -9.11 1.59
C GLN B 61 -2.29 -10.38 1.49
N SER B 62 -2.15 -10.91 0.28
CA SER B 62 -1.38 -12.12 0.07
C SER B 62 0.11 -11.85 0.25
N TYR B 63 0.56 -10.69 -0.22
CA TYR B 63 1.96 -10.33 -0.11
C TYR B 63 2.42 -10.40 1.34
N LEU B 64 1.61 -9.85 2.24
CA LEU B 64 1.95 -9.86 3.66
C LEU B 64 1.89 -11.28 4.22
N GLU B 65 0.83 -12.01 3.87
CA GLU B 65 0.65 -13.38 4.34
C GLU B 65 1.94 -14.16 4.17
N THR B 66 2.26 -14.50 2.92
CA THR B 66 3.47 -15.26 2.63
C THR B 66 4.65 -14.32 2.38
N SER B 67 5.81 -14.71 2.89
CA SER B 67 7.01 -13.90 2.71
C SER B 67 8.25 -14.78 2.60
N GLY B 68 8.08 -16.07 2.86
CA GLY B 68 9.18 -17.01 2.80
C GLY B 68 10.18 -16.77 3.93
N THR B 69 10.68 -17.85 4.51
CA THR B 69 11.63 -17.75 5.61
C THR B 69 13.05 -18.01 5.11
N SER B 70 14.02 -17.32 5.71
CA SER B 70 15.42 -17.48 5.32
C SER B 70 16.34 -17.18 6.49
N THR A 1 -19.24 14.55 15.79
CA THR A 1 -19.19 13.06 15.73
C THR A 1 -20.38 12.55 14.91
N GLN A 2 -20.18 11.41 14.25
CA GLN A 2 -21.23 10.81 13.43
C GLN A 2 -21.55 11.71 12.24
N GLY A 3 -20.52 12.07 11.49
CA GLY A 3 -20.71 12.93 10.32
C GLY A 3 -19.82 12.49 9.17
N GLY A 4 -18.59 12.99 9.15
CA GLY A 4 -17.65 12.65 8.08
C GLY A 4 -17.16 11.22 8.26
N ARG A 5 -16.17 10.84 7.45
CA ARG A 5 -15.61 9.50 7.51
C ARG A 5 -14.10 9.54 7.71
N PRO A 6 -13.51 8.47 8.18
CA PRO A 6 -12.05 8.38 8.41
C PRO A 6 -11.26 8.41 7.10
N SER A 7 -9.94 8.47 7.22
CA SER A 7 -9.08 8.51 6.04
C SER A 7 -8.00 7.43 6.13
N LEU A 8 -7.46 7.04 4.99
CA LEU A 8 -6.42 6.03 4.94
C LEU A 8 -5.51 6.24 3.74
N ILE A 9 -4.35 6.84 3.99
CA ILE A 9 -3.39 7.10 2.92
C ILE A 9 -1.98 6.69 3.34
N ALA A 10 -1.22 6.13 2.40
CA ALA A 10 0.15 5.71 2.68
C ALA A 10 1.12 6.50 1.82
N ARG A 11 2.11 7.10 2.48
CA ARG A 11 3.13 7.89 1.78
C ARG A 11 4.46 7.17 1.79
N ILE A 12 5.01 6.94 0.60
CA ILE A 12 6.30 6.26 0.49
C ILE A 12 7.23 7.03 -0.45
N PRO A 13 8.01 7.95 0.07
CA PRO A 13 8.94 8.77 -0.76
C PRO A 13 9.74 7.92 -1.74
N VAL A 14 9.61 8.24 -3.03
CA VAL A 14 10.32 7.50 -4.06
C VAL A 14 11.78 7.28 -3.65
N ALA A 15 12.37 8.30 -3.04
CA ALA A 15 13.77 8.21 -2.60
C ALA A 15 14.01 6.88 -1.89
N ARG A 16 12.93 6.22 -1.49
CA ARG A 16 13.05 4.94 -0.79
C ARG A 16 12.97 3.78 -1.78
N ILE A 17 11.88 3.71 -2.53
CA ILE A 17 11.69 2.65 -3.51
C ILE A 17 12.66 2.82 -4.68
N LEU A 18 12.57 3.96 -5.34
CA LEU A 18 13.45 4.24 -6.48
C LEU A 18 14.87 4.47 -6.01
N GLY A 19 15.09 4.31 -4.72
CA GLY A 19 16.41 4.51 -4.15
C GLY A 19 17.47 3.75 -4.95
N ASP A 20 18.47 4.47 -5.44
CA ASP A 20 19.54 3.86 -6.21
C ASP A 20 20.67 4.85 -6.44
N PRO A 21 21.31 5.28 -5.38
CA PRO A 21 22.44 6.25 -5.46
C PRO A 21 23.74 5.60 -5.91
N GLU A 22 24.24 6.01 -7.07
CA GLU A 22 25.47 5.45 -7.60
C GLU A 22 26.30 6.53 -8.28
N GLU A 23 26.37 7.70 -7.64
CA GLU A 23 27.15 8.81 -8.19
C GLU A 23 28.62 8.47 -8.24
N GLU A 24 28.98 7.30 -7.72
CA GLU A 24 30.36 6.87 -7.70
C GLU A 24 30.64 5.91 -8.87
N MET B 1 -19.46 -10.29 8.09
CA MET B 1 -19.37 -9.60 9.40
C MET B 1 -19.56 -8.10 9.19
N ASP B 2 -19.79 -7.70 7.94
CA ASP B 2 -19.98 -6.29 7.63
C ASP B 2 -18.75 -5.49 8.04
N LYS B 3 -18.53 -4.36 7.35
CA LYS B 3 -17.38 -3.52 7.65
C LYS B 3 -16.08 -4.27 7.44
N ALA B 4 -16.19 -5.54 7.07
CA ALA B 4 -15.01 -6.36 6.84
C ALA B 4 -14.08 -5.71 5.82
N TYR B 5 -14.66 -5.23 4.71
CA TYR B 5 -13.87 -4.60 3.67
C TYR B 5 -13.05 -3.46 4.25
N LEU B 6 -13.69 -2.56 5.00
CA LEU B 6 -13.00 -1.44 5.60
C LEU B 6 -12.07 -1.91 6.72
N ASP B 7 -12.54 -2.88 7.49
CA ASP B 7 -11.75 -3.43 8.59
C ASP B 7 -10.44 -4.02 8.07
N GLU B 8 -10.54 -4.81 7.01
CA GLU B 8 -9.37 -5.43 6.42
C GLU B 8 -8.37 -4.38 5.97
N LEU B 9 -8.86 -3.37 5.25
CA LEU B 9 -7.99 -2.30 4.76
C LEU B 9 -7.23 -1.66 5.92
N VAL B 10 -7.94 -1.35 7.00
CA VAL B 10 -7.32 -0.74 8.16
C VAL B 10 -6.32 -1.70 8.80
N GLU B 11 -6.76 -2.94 9.00
CA GLU B 11 -5.89 -3.95 9.61
C GLU B 11 -4.64 -4.16 8.77
N LEU B 12 -4.82 -4.24 7.45
CA LEU B 12 -3.69 -4.45 6.55
C LEU B 12 -2.67 -3.34 6.73
N HIS B 13 -3.08 -2.10 6.48
CA HIS B 13 -2.18 -0.97 6.61
C HIS B 13 -1.46 -1.02 7.96
N ARG B 14 -2.20 -1.30 9.02
CA ARG B 14 -1.61 -1.36 10.36
C ARG B 14 -0.50 -2.40 10.41
N ARG B 15 -0.76 -3.58 9.86
CA ARG B 15 0.23 -4.65 9.85
C ARG B 15 1.36 -4.32 8.88
N LEU B 16 1.05 -3.57 7.83
CA LEU B 16 2.04 -3.19 6.84
C LEU B 16 3.04 -2.19 7.43
N MET B 17 2.53 -1.29 8.26
CA MET B 17 3.39 -0.29 8.89
C MET B 17 4.45 -0.95 9.75
N THR B 18 4.26 -2.24 10.03
CA THR B 18 5.21 -2.98 10.85
C THR B 18 6.26 -3.66 9.98
N LEU B 19 5.83 -4.11 8.79
CA LEU B 19 6.74 -4.78 7.87
C LEU B 19 7.98 -3.93 7.62
N ARG B 20 9.09 -4.58 7.29
CA ARG B 20 10.33 -3.87 7.02
C ARG B 20 11.02 -4.45 5.79
N GLU B 21 10.31 -5.34 5.08
CA GLU B 21 10.88 -5.96 3.88
C GLU B 21 10.80 -5.00 2.70
N ARG B 22 11.96 -4.47 2.30
CA ARG B 22 12.01 -3.53 1.18
C ARG B 22 11.55 -4.20 -0.11
N HIS B 23 12.19 -5.30 -0.45
CA HIS B 23 11.84 -6.04 -1.66
C HIS B 23 10.33 -6.09 -1.84
N ILE B 24 9.64 -6.72 -0.89
CA ILE B 24 8.19 -6.83 -0.96
C ILE B 24 7.56 -5.46 -1.21
N LEU B 25 8.18 -4.42 -0.66
CA LEU B 25 7.67 -3.07 -0.84
C LEU B 25 7.73 -2.65 -2.31
N GLN B 26 8.88 -2.89 -2.94
CA GLN B 26 9.06 -2.53 -4.34
C GLN B 26 7.99 -3.19 -5.20
N GLN B 27 7.71 -4.47 -4.92
CA GLN B 27 6.71 -5.20 -5.67
C GLN B 27 5.32 -4.58 -5.48
N ILE B 28 4.99 -4.25 -4.24
CA ILE B 28 3.71 -3.64 -3.95
C ILE B 28 3.51 -2.39 -4.79
N VAL B 29 4.47 -1.48 -4.72
CA VAL B 29 4.37 -0.24 -5.49
C VAL B 29 3.86 -0.52 -6.90
N ASN B 30 4.48 -1.48 -7.57
CA ASN B 30 4.08 -1.84 -8.92
C ASN B 30 2.59 -2.18 -8.95
N LEU B 31 2.14 -2.91 -7.94
CA LEU B 31 0.75 -3.29 -7.87
C LEU B 31 -0.16 -2.06 -7.84
N ILE B 32 0.25 -1.05 -7.09
CA ILE B 32 -0.53 0.18 -7.00
C ILE B 32 -0.52 0.92 -8.34
N GLU B 33 0.51 0.67 -9.14
CA GLU B 33 0.63 1.31 -10.44
C GLU B 33 -0.21 0.58 -11.48
N GLU B 34 -0.33 -0.73 -11.31
CA GLU B 34 -1.11 -1.55 -12.25
C GLU B 34 -2.59 -1.16 -12.21
N THR B 35 -3.08 -0.85 -11.01
CA THR B 35 -4.47 -0.47 -10.84
C THR B 35 -4.72 0.93 -11.40
N GLY B 36 -3.68 1.53 -11.96
CA GLY B 36 -3.80 2.87 -12.52
C GLY B 36 -4.63 3.78 -11.63
N HIS B 37 -4.59 3.50 -10.33
CA HIS B 37 -5.35 4.30 -9.37
C HIS B 37 -4.47 4.69 -8.18
N PHE B 38 -4.00 5.93 -8.19
CA PHE B 38 -3.15 6.42 -7.10
C PHE B 38 -2.85 7.90 -7.29
N HIS B 39 -1.99 8.44 -6.41
CA HIS B 39 -1.61 9.85 -6.50
C HIS B 39 -0.11 10.02 -6.33
N ILE B 40 0.60 10.20 -7.43
CA ILE B 40 2.04 10.37 -7.39
C ILE B 40 2.41 11.85 -7.40
N THR B 41 3.17 12.27 -6.40
CA THR B 41 3.60 13.66 -6.29
C THR B 41 4.94 13.85 -7.00
N ASN B 42 5.16 15.06 -7.52
CA ASN B 42 6.40 15.36 -8.21
C ASN B 42 7.58 15.33 -7.26
N THR B 43 7.30 15.08 -5.99
CA THR B 43 8.35 15.02 -4.98
C THR B 43 8.08 13.89 -3.99
N THR B 44 7.06 13.09 -4.28
CA THR B 44 6.70 11.98 -3.40
C THR B 44 5.69 11.06 -4.10
N PHE B 45 5.47 9.89 -3.50
CA PHE B 45 4.53 8.92 -4.07
C PHE B 45 3.64 8.34 -2.98
N ASP B 46 2.33 8.58 -3.08
CA ASP B 46 1.38 8.08 -2.10
C ASP B 46 0.11 7.58 -2.77
N PHE B 47 -0.67 6.80 -2.05
CA PHE B 47 -1.91 6.26 -2.59
C PHE B 47 -2.95 6.09 -1.49
N ASP B 48 -4.22 6.27 -1.85
CA ASP B 48 -5.30 6.14 -0.88
C ASP B 48 -5.82 4.70 -0.83
N LEU B 49 -5.67 4.07 0.34
CA LEU B 49 -6.12 2.70 0.52
C LEU B 49 -7.63 2.60 0.31
N CYS B 50 -8.34 3.65 0.72
CA CYS B 50 -9.79 3.66 0.56
C CYS B 50 -10.17 3.72 -0.91
N SER B 51 -9.43 4.51 -1.68
CA SER B 51 -9.71 4.66 -3.10
C SER B 51 -9.30 3.41 -3.85
N LEU B 52 -8.40 2.64 -3.27
CA LEU B 52 -7.94 1.41 -3.91
C LEU B 52 -9.09 0.42 -4.05
N ASP B 53 -9.04 -0.37 -5.12
CA ASP B 53 -10.08 -1.35 -5.37
C ASP B 53 -9.79 -2.64 -4.62
N LYS B 54 -10.61 -3.66 -4.85
CA LYS B 54 -10.44 -4.95 -4.19
C LYS B 54 -9.32 -5.75 -4.86
N THR B 55 -9.18 -5.59 -6.17
CA THR B 55 -8.15 -6.31 -6.91
C THR B 55 -6.80 -6.19 -6.21
N THR B 56 -6.37 -4.95 -5.99
CA THR B 56 -5.09 -4.72 -5.32
C THR B 56 -5.11 -5.28 -3.90
N VAL B 57 -6.14 -4.92 -3.15
CA VAL B 57 -6.26 -5.40 -1.78
C VAL B 57 -5.99 -6.90 -1.71
N ARG B 58 -6.54 -7.65 -2.66
CA ARG B 58 -6.34 -9.09 -2.69
C ARG B 58 -4.87 -9.43 -2.90
N LYS B 59 -4.24 -8.75 -3.85
CA LYS B 59 -2.83 -8.98 -4.13
C LYS B 59 -1.98 -8.64 -2.92
N LEU B 60 -2.34 -7.58 -2.22
CA LEU B 60 -1.60 -7.15 -1.04
C LEU B 60 -1.70 -8.21 0.06
N GLN B 61 -2.92 -8.72 0.28
CA GLN B 61 -3.14 -9.74 1.29
C GLN B 61 -2.28 -10.96 1.02
N SER B 62 -2.11 -11.29 -0.26
CA SER B 62 -1.31 -12.45 -0.64
C SER B 62 0.17 -12.19 -0.38
N TYR B 63 0.62 -10.98 -0.70
CA TYR B 63 2.01 -10.61 -0.48
C TYR B 63 2.42 -10.84 0.96
N LEU B 64 1.51 -10.54 1.88
CA LEU B 64 1.79 -10.71 3.31
C LEU B 64 1.77 -12.19 3.68
N GLU B 65 0.78 -12.92 3.16
CA GLU B 65 0.65 -14.34 3.44
C GLU B 65 1.89 -15.09 2.98
N THR B 66 2.78 -14.38 2.29
CA THR B 66 4.02 -14.99 1.79
C THR B 66 4.70 -15.79 2.89
N SER B 67 4.62 -15.28 4.12
CA SER B 67 5.24 -15.96 5.25
C SER B 67 4.66 -17.35 5.43
N GLY B 68 5.54 -18.36 5.47
CA GLY B 68 5.10 -19.74 5.64
C GLY B 68 4.25 -20.18 4.46
N THR B 69 4.46 -21.42 4.02
CA THR B 69 3.71 -21.96 2.90
C THR B 69 3.32 -23.42 3.16
N SER B 70 2.83 -23.69 4.36
CA SER B 70 2.44 -25.04 4.73
C SER B 70 3.60 -26.01 4.54
N THR A 1 -15.37 8.50 18.77
CA THR A 1 -15.95 9.69 18.07
C THR A 1 -16.27 9.31 16.62
N GLN A 2 -16.68 10.31 15.84
CA GLN A 2 -17.02 10.07 14.44
C GLN A 2 -15.95 9.19 13.78
N GLY A 3 -16.25 8.73 12.57
CA GLY A 3 -15.32 7.88 11.84
C GLY A 3 -16.07 6.91 10.92
N GLY A 4 -16.93 7.45 10.07
CA GLY A 4 -17.70 6.62 9.15
C GLY A 4 -16.80 6.04 8.06
N ARG A 5 -15.97 6.90 7.48
CA ARG A 5 -15.06 6.46 6.42
C ARG A 5 -13.78 7.29 6.45
N PRO A 6 -12.96 7.09 7.45
CA PRO A 6 -11.68 7.82 7.59
C PRO A 6 -10.85 7.80 6.31
N SER A 7 -9.89 8.71 6.21
CA SER A 7 -9.03 8.79 5.03
C SER A 7 -7.68 8.16 5.31
N LEU A 8 -7.62 6.83 5.24
CA LEU A 8 -6.38 6.12 5.48
C LEU A 8 -5.47 6.21 4.26
N ILE A 9 -4.45 7.05 4.36
CA ILE A 9 -3.51 7.24 3.27
C ILE A 9 -2.07 7.01 3.73
N ALA A 10 -1.27 6.38 2.88
CA ALA A 10 0.12 6.10 3.20
C ALA A 10 1.05 6.78 2.19
N ARG A 11 2.10 7.41 2.70
CA ARG A 11 3.06 8.10 1.85
C ARG A 11 4.37 7.32 1.78
N ILE A 12 4.90 7.18 0.57
CA ILE A 12 6.15 6.45 0.38
C ILE A 12 7.11 7.28 -0.49
N PRO A 13 7.92 8.10 0.12
CA PRO A 13 8.90 8.95 -0.61
C PRO A 13 9.71 8.16 -1.62
N VAL A 14 9.61 8.55 -2.90
CA VAL A 14 10.35 7.86 -3.96
C VAL A 14 11.80 7.65 -3.56
N ALA A 15 12.37 8.64 -2.88
CA ALA A 15 13.76 8.56 -2.45
C ALA A 15 13.99 7.26 -1.67
N ARG A 16 12.91 6.55 -1.37
CA ARG A 16 13.01 5.29 -0.64
C ARG A 16 13.00 4.11 -1.60
N ILE A 17 11.94 4.01 -2.38
CA ILE A 17 11.81 2.92 -3.34
C ILE A 17 12.73 3.15 -4.54
N LEU A 18 12.53 4.26 -5.22
CA LEU A 18 13.33 4.59 -6.38
C LEU A 18 14.78 4.88 -5.98
N GLY A 19 14.94 5.82 -5.05
CA GLY A 19 16.27 6.17 -4.59
C GLY A 19 16.76 7.45 -5.27
N ASP A 20 17.66 7.30 -6.23
CA ASP A 20 18.19 8.45 -6.96
C ASP A 20 18.84 8.01 -8.26
N PRO A 21 18.06 7.47 -9.16
CA PRO A 21 18.57 6.99 -10.48
C PRO A 21 18.84 8.14 -11.44
N GLU A 22 19.91 8.02 -12.23
CA GLU A 22 20.25 9.07 -13.18
C GLU A 22 20.69 8.45 -14.51
N GLU A 23 19.97 7.42 -14.94
CA GLU A 23 20.29 6.76 -16.19
C GLU A 23 19.73 7.53 -17.37
N GLU A 24 19.00 8.60 -17.07
CA GLU A 24 18.39 9.43 -18.12
C GLU A 24 19.43 10.36 -18.72
N MET B 1 -19.14 -0.67 -0.03
CA MET B 1 -19.45 -1.75 0.94
C MET B 1 -19.48 -1.16 2.35
N ASP B 2 -19.72 -2.02 3.35
CA ASP B 2 -19.76 -1.57 4.74
C ASP B 2 -18.35 -1.25 5.23
N LYS B 3 -18.26 -0.81 6.48
CA LYS B 3 -16.97 -0.46 7.07
C LYS B 3 -16.02 -1.65 7.02
N ALA B 4 -16.59 -2.86 7.06
CA ALA B 4 -15.78 -4.07 7.02
C ALA B 4 -14.65 -3.93 6.00
N TYR B 5 -15.03 -3.77 4.74
CA TYR B 5 -14.03 -3.61 3.68
C TYR B 5 -12.94 -2.64 4.09
N LEU B 6 -13.34 -1.51 4.65
CA LEU B 6 -12.38 -0.50 5.09
C LEU B 6 -11.57 -1.01 6.28
N ASP B 7 -12.23 -1.73 7.18
CA ASP B 7 -11.57 -2.27 8.35
C ASP B 7 -10.39 -3.15 7.94
N GLU B 8 -10.63 -4.03 6.98
CA GLU B 8 -9.58 -4.91 6.49
C GLU B 8 -8.40 -4.11 5.96
N LEU B 9 -8.70 -3.11 5.15
CA LEU B 9 -7.66 -2.27 4.57
C LEU B 9 -6.77 -1.68 5.66
N VAL B 10 -7.41 -1.06 6.65
CA VAL B 10 -6.68 -0.46 7.76
C VAL B 10 -5.84 -1.51 8.47
N GLU B 11 -6.50 -2.55 8.95
CA GLU B 11 -5.80 -3.61 9.65
C GLU B 11 -4.64 -4.15 8.81
N LEU B 12 -4.89 -4.34 7.52
CA LEU B 12 -3.87 -4.85 6.62
C LEU B 12 -2.68 -3.90 6.57
N HIS B 13 -2.96 -2.63 6.27
CA HIS B 13 -1.90 -1.63 6.19
C HIS B 13 -1.20 -1.48 7.53
N ARG B 14 -1.97 -1.60 8.61
CA ARG B 14 -1.41 -1.47 9.95
C ARG B 14 -0.30 -2.48 10.18
N ARG B 15 -0.54 -3.73 9.77
CA ARG B 15 0.45 -4.79 9.93
C ARG B 15 1.64 -4.55 9.00
N LEU B 16 1.34 -4.19 7.75
CA LEU B 16 2.40 -3.93 6.78
C LEU B 16 3.43 -2.96 7.33
N MET B 17 2.95 -1.95 8.06
CA MET B 17 3.83 -0.95 8.63
C MET B 17 4.78 -1.60 9.63
N THR B 18 4.56 -2.87 9.91
CA THR B 18 5.41 -3.60 10.85
C THR B 18 6.44 -4.44 10.10
N LEU B 19 6.11 -4.80 8.87
CA LEU B 19 7.02 -5.62 8.06
C LEU B 19 8.39 -4.96 7.99
N ARG B 20 9.39 -5.76 7.62
CA ARG B 20 10.77 -5.26 7.51
C ARG B 20 11.37 -5.62 6.16
N GLU B 21 10.55 -6.17 5.28
CA GLU B 21 11.02 -6.56 3.95
C GLU B 21 10.78 -5.44 2.95
N ARG B 22 11.84 -4.73 2.60
CA ARG B 22 11.74 -3.62 1.65
C ARG B 22 11.43 -4.15 0.26
N HIS B 23 11.95 -5.33 -0.06
CA HIS B 23 11.73 -5.94 -1.36
C HIS B 23 10.24 -6.08 -1.65
N ILE B 24 9.53 -6.72 -0.71
CA ILE B 24 8.09 -6.92 -0.87
C ILE B 24 7.40 -5.58 -1.13
N LEU B 25 7.92 -4.52 -0.52
CA LEU B 25 7.34 -3.19 -0.68
C LEU B 25 7.52 -2.71 -2.12
N GLN B 26 8.72 -2.90 -2.66
CA GLN B 26 9.00 -2.48 -4.04
C GLN B 26 8.03 -3.15 -5.01
N GLN B 27 7.71 -4.41 -4.75
CA GLN B 27 6.79 -5.15 -5.61
C GLN B 27 5.40 -4.52 -5.57
N ILE B 28 4.95 -4.18 -4.37
CA ILE B 28 3.63 -3.58 -4.20
C ILE B 28 3.50 -2.34 -5.08
N VAL B 29 4.55 -1.54 -5.11
CA VAL B 29 4.54 -0.31 -5.91
C VAL B 29 4.00 -0.60 -7.30
N ASN B 30 4.41 -1.73 -7.86
CA ASN B 30 3.95 -2.12 -9.19
C ASN B 30 2.48 -2.49 -9.15
N LEU B 31 2.08 -3.26 -8.14
CA LEU B 31 0.69 -3.66 -8.01
C LEU B 31 -0.21 -2.43 -8.05
N ILE B 32 0.25 -1.35 -7.42
CA ILE B 32 -0.53 -0.13 -7.38
C ILE B 32 -0.65 0.48 -8.77
N GLU B 33 0.48 0.59 -9.45
CA GLU B 33 0.51 1.15 -10.79
C GLU B 33 -0.41 0.37 -11.72
N GLU B 34 -0.61 -0.91 -11.40
CA GLU B 34 -1.48 -1.76 -12.20
C GLU B 34 -2.93 -1.25 -12.17
N THR B 35 -3.44 -1.04 -10.96
CA THR B 35 -4.82 -0.56 -10.80
C THR B 35 -4.90 0.92 -11.16
N GLY B 36 -3.79 1.48 -11.62
CA GLY B 36 -3.75 2.89 -12.00
C GLY B 36 -4.54 3.74 -11.02
N HIS B 37 -4.60 3.30 -9.77
CA HIS B 37 -5.33 4.02 -8.73
C HIS B 37 -4.38 4.48 -7.62
N PHE B 38 -3.98 5.75 -7.68
CA PHE B 38 -3.08 6.30 -6.66
C PHE B 38 -2.90 7.80 -6.87
N HIS B 39 -2.03 8.40 -6.08
CA HIS B 39 -1.76 9.83 -6.19
C HIS B 39 -0.27 10.10 -6.07
N ILE B 40 0.39 10.32 -7.21
CA ILE B 40 1.81 10.58 -7.22
C ILE B 40 2.09 12.08 -7.20
N THR B 41 3.01 12.49 -6.33
CA THR B 41 3.36 13.90 -6.21
C THR B 41 4.63 14.19 -7.02
N ASN B 42 4.76 15.43 -7.45
CA ASN B 42 5.93 15.84 -8.24
C ASN B 42 7.20 15.76 -7.38
N THR B 43 7.03 15.55 -6.08
CA THR B 43 8.16 15.45 -5.17
C THR B 43 7.92 14.36 -4.14
N THR B 44 6.93 13.52 -4.38
CA THR B 44 6.60 12.44 -3.46
C THR B 44 5.64 11.46 -4.10
N PHE B 45 5.44 10.30 -3.47
CA PHE B 45 4.54 9.29 -3.98
C PHE B 45 3.62 8.77 -2.87
N ASP B 46 2.33 9.08 -2.99
CA ASP B 46 1.36 8.64 -1.99
C ASP B 46 0.18 7.95 -2.65
N PHE B 47 -0.62 7.26 -1.85
CA PHE B 47 -1.78 6.55 -2.38
C PHE B 47 -2.75 6.19 -1.25
N ASP B 48 -4.04 6.24 -1.56
CA ASP B 48 -5.06 5.93 -0.57
C ASP B 48 -5.46 4.47 -0.65
N LEU B 49 -5.68 3.86 0.52
CA LEU B 49 -6.06 2.45 0.58
C LEU B 49 -7.52 2.28 0.16
N CYS B 50 -8.36 3.23 0.56
CA CYS B 50 -9.78 3.17 0.23
C CYS B 50 -9.99 3.50 -1.24
N SER B 51 -8.89 3.68 -1.98
CA SER B 51 -8.98 4.00 -3.39
C SER B 51 -8.68 2.77 -4.24
N LEU B 52 -7.87 1.86 -3.69
CA LEU B 52 -7.51 0.64 -4.41
C LEU B 52 -8.73 -0.27 -4.57
N ASP B 53 -8.73 -1.06 -5.63
CA ASP B 53 -9.84 -1.96 -5.89
C ASP B 53 -9.60 -3.31 -5.20
N LYS B 54 -10.69 -4.00 -4.86
CA LYS B 54 -10.58 -5.29 -4.19
C LYS B 54 -9.46 -6.12 -4.80
N THR B 55 -9.39 -6.11 -6.13
CA THR B 55 -8.35 -6.87 -6.83
C THR B 55 -6.98 -6.62 -6.20
N THR B 56 -6.61 -5.35 -6.10
CA THR B 56 -5.33 -4.99 -5.51
C THR B 56 -5.27 -5.41 -4.04
N VAL B 57 -6.32 -5.07 -3.29
CA VAL B 57 -6.36 -5.41 -1.88
C VAL B 57 -6.20 -6.92 -1.67
N ARG B 58 -6.68 -7.70 -2.65
CA ARG B 58 -6.58 -9.15 -2.56
C ARG B 58 -5.14 -9.60 -2.74
N LYS B 59 -4.46 -9.03 -3.74
CA LYS B 59 -3.08 -9.39 -4.01
C LYS B 59 -2.20 -9.06 -2.81
N LEU B 60 -2.53 -7.96 -2.13
CA LEU B 60 -1.77 -7.55 -0.96
C LEU B 60 -1.91 -8.58 0.15
N GLN B 61 -3.14 -9.01 0.40
CA GLN B 61 -3.39 -10.00 1.43
C GLN B 61 -2.52 -11.24 1.22
N SER B 62 -2.37 -11.62 -0.05
CA SER B 62 -1.56 -12.79 -0.39
C SER B 62 -0.07 -12.51 -0.14
N TYR B 63 0.37 -11.31 -0.52
CA TYR B 63 1.76 -10.93 -0.35
C TYR B 63 2.23 -11.22 1.08
N LEU B 64 1.45 -10.74 2.05
CA LEU B 64 1.80 -10.95 3.45
C LEU B 64 2.03 -12.44 3.73
N GLU B 65 1.10 -13.27 3.28
CA GLU B 65 1.21 -14.70 3.48
C GLU B 65 2.41 -15.27 2.73
N THR B 66 2.50 -14.93 1.44
CA THR B 66 3.60 -15.40 0.62
C THR B 66 4.90 -14.70 1.00
N SER B 67 5.57 -15.24 2.00
CA SER B 67 6.83 -14.66 2.47
C SER B 67 7.77 -15.75 2.95
N GLY B 68 8.40 -16.45 2.01
CA GLY B 68 9.34 -17.52 2.35
C GLY B 68 10.62 -16.95 2.96
N THR B 69 10.55 -16.56 4.22
CA THR B 69 11.71 -16.01 4.91
C THR B 69 12.25 -17.00 5.92
N SER B 70 13.19 -17.83 5.48
CA SER B 70 13.80 -18.84 6.36
C SER B 70 12.74 -19.84 6.81
N THR A 1 -22.42 7.20 14.44
CA THR A 1 -21.58 7.49 15.64
C THR A 1 -20.66 6.30 15.91
N GLN A 2 -20.84 5.23 15.13
CA GLN A 2 -20.03 4.03 15.31
C GLN A 2 -18.71 4.17 14.57
N GLY A 3 -18.52 5.29 13.90
CA GLY A 3 -17.29 5.53 13.15
C GLY A 3 -17.18 7.00 12.74
N GLY A 4 -17.43 7.27 11.47
CA GLY A 4 -17.34 8.64 10.96
C GLY A 4 -16.80 8.65 9.53
N ARG A 5 -15.75 9.44 9.32
CA ARG A 5 -15.14 9.54 7.99
C ARG A 5 -13.62 9.47 8.10
N PRO A 6 -13.09 8.38 8.59
CA PRO A 6 -11.62 8.20 8.74
C PRO A 6 -10.94 7.92 7.41
N SER A 7 -9.77 8.51 7.22
CA SER A 7 -9.01 8.33 5.98
C SER A 7 -7.88 7.32 6.19
N LEU A 8 -7.37 6.79 5.09
CA LEU A 8 -6.28 5.80 5.17
C LEU A 8 -5.37 5.94 3.95
N ILE A 9 -4.24 6.62 4.14
CA ILE A 9 -3.28 6.81 3.05
C ILE A 9 -1.87 6.52 3.52
N ALA A 10 -1.07 5.90 2.64
CA ALA A 10 0.31 5.58 2.96
C ALA A 10 1.26 6.34 2.04
N ARG A 11 2.26 6.98 2.65
CA ARG A 11 3.24 7.74 1.90
C ARG A 11 4.53 6.94 1.76
N ILE A 12 5.01 6.82 0.53
CA ILE A 12 6.24 6.08 0.27
C ILE A 12 7.22 6.93 -0.54
N PRO A 13 8.07 7.69 0.11
CA PRO A 13 9.06 8.56 -0.58
C PRO A 13 9.88 7.77 -1.61
N VAL A 14 9.82 8.21 -2.86
CA VAL A 14 10.55 7.54 -3.93
C VAL A 14 11.99 7.24 -3.50
N ALA A 15 12.54 8.14 -2.67
CA ALA A 15 13.91 7.97 -2.20
C ALA A 15 14.09 6.59 -1.58
N ARG A 16 12.98 5.89 -1.37
CA ARG A 16 13.02 4.55 -0.78
C ARG A 16 12.98 3.48 -1.87
N ILE A 17 11.93 3.53 -2.70
CA ILE A 17 11.78 2.55 -3.77
C ILE A 17 12.78 2.83 -4.89
N LEU A 18 12.70 4.02 -5.46
CA LEU A 18 13.60 4.40 -6.55
C LEU A 18 15.04 4.48 -6.05
N GLY A 19 15.21 4.94 -4.81
CA GLY A 19 16.55 5.05 -4.23
C GLY A 19 16.92 3.76 -3.51
N ASP A 20 17.38 2.77 -4.26
CA ASP A 20 17.76 1.49 -3.69
C ASP A 20 18.81 1.68 -2.59
N PRO A 21 18.91 0.77 -1.66
CA PRO A 21 19.91 0.84 -0.55
C PRO A 21 21.34 0.69 -1.06
N GLU A 22 22.21 1.61 -0.67
CA GLU A 22 23.61 1.56 -1.09
C GLU A 22 24.42 2.64 -0.39
N GLU A 23 24.20 2.79 0.91
CA GLU A 23 24.92 3.80 1.69
C GLU A 23 26.13 3.17 2.38
N GLU A 24 26.69 3.89 3.34
CA GLU A 24 27.86 3.40 4.08
C GLU A 24 27.52 2.10 4.80
N MET B 1 -23.15 -2.45 7.63
CA MET B 1 -22.29 -3.67 7.71
C MET B 1 -21.15 -3.54 6.70
N ASP B 2 -21.05 -2.37 6.07
CA ASP B 2 -20.00 -2.14 5.09
C ASP B 2 -18.69 -1.77 5.79
N LYS B 3 -18.38 -2.48 6.86
CA LYS B 3 -17.16 -2.23 7.62
C LYS B 3 -16.11 -3.30 7.32
N ALA B 4 -16.56 -4.54 7.16
CA ALA B 4 -15.65 -5.64 6.87
C ALA B 4 -14.58 -5.21 5.87
N TYR B 5 -15.01 -4.53 4.81
CA TYR B 5 -14.08 -4.07 3.79
C TYR B 5 -13.07 -3.10 4.38
N LEU B 6 -13.55 -2.11 5.11
CA LEU B 6 -12.68 -1.11 5.74
C LEU B 6 -11.80 -1.77 6.80
N ASP B 7 -12.39 -2.69 7.57
CA ASP B 7 -11.65 -3.38 8.62
C ASP B 7 -10.40 -4.05 8.05
N GLU B 8 -10.58 -4.76 6.95
CA GLU B 8 -9.46 -5.45 6.30
C GLU B 8 -8.39 -4.45 5.90
N LEU B 9 -8.79 -3.39 5.21
CA LEU B 9 -7.85 -2.37 4.77
C LEU B 9 -7.05 -1.85 5.95
N VAL B 10 -7.74 -1.51 7.03
CA VAL B 10 -7.08 -0.99 8.23
C VAL B 10 -6.13 -2.04 8.81
N GLU B 11 -6.61 -3.27 8.93
CA GLU B 11 -5.79 -4.34 9.47
C GLU B 11 -4.49 -4.48 8.68
N LEU B 12 -4.60 -4.36 7.36
CA LEU B 12 -3.43 -4.46 6.50
C LEU B 12 -2.44 -3.34 6.80
N HIS B 13 -2.89 -2.10 6.63
CA HIS B 13 -2.03 -0.96 6.89
C HIS B 13 -1.30 -1.13 8.21
N ARG B 14 -2.00 -1.65 9.21
CA ARG B 14 -1.41 -1.85 10.52
C ARG B 14 -0.28 -2.87 10.45
N ARG B 15 -0.57 -4.03 9.86
CA ARG B 15 0.44 -5.08 9.73
C ARG B 15 1.65 -4.57 8.96
N LEU B 16 1.44 -3.54 8.15
CA LEU B 16 2.52 -2.96 7.36
C LEU B 16 3.27 -1.90 8.16
N MET B 17 2.52 -0.99 8.77
CA MET B 17 3.13 0.08 9.56
C MET B 17 4.17 -0.50 10.52
N THR B 18 4.06 -1.79 10.81
CA THR B 18 4.99 -2.44 11.71
C THR B 18 6.10 -3.13 10.92
N LEU B 19 5.73 -3.69 9.77
CA LEU B 19 6.70 -4.38 8.93
C LEU B 19 7.56 -3.38 8.17
N ARG B 20 8.70 -3.86 7.66
CA ARG B 20 9.61 -3.00 6.92
C ARG B 20 10.05 -3.67 5.62
N GLU B 21 9.39 -4.78 5.28
CA GLU B 21 9.73 -5.50 4.05
C GLU B 21 9.80 -4.55 2.88
N ARG B 22 10.98 -4.00 2.63
CA ARG B 22 11.17 -3.07 1.52
C ARG B 22 11.21 -3.81 0.19
N HIS B 23 11.82 -5.00 0.19
CA HIS B 23 11.92 -5.79 -1.03
C HIS B 23 10.54 -6.01 -1.65
N ILE B 24 9.61 -6.51 -0.84
CA ILE B 24 8.25 -6.76 -1.32
C ILE B 24 7.58 -5.46 -1.72
N LEU B 25 7.96 -4.38 -1.06
CA LEU B 25 7.39 -3.07 -1.36
C LEU B 25 7.61 -2.70 -2.82
N GLN B 26 8.79 -3.01 -3.34
CA GLN B 26 9.11 -2.69 -4.73
C GLN B 26 8.14 -3.40 -5.66
N GLN B 27 7.65 -4.57 -5.25
CA GLN B 27 6.71 -5.34 -6.05
C GLN B 27 5.31 -4.73 -5.97
N ILE B 28 4.97 -4.20 -4.79
CA ILE B 28 3.66 -3.59 -4.59
C ILE B 28 3.48 -2.39 -5.51
N VAL B 29 4.49 -1.52 -5.53
CA VAL B 29 4.42 -0.33 -6.37
C VAL B 29 3.86 -0.67 -7.74
N ASN B 30 4.27 -1.81 -8.29
CA ASN B 30 3.80 -2.25 -9.59
C ASN B 30 2.32 -2.62 -9.51
N LEU B 31 1.98 -3.44 -8.53
CA LEU B 31 0.60 -3.86 -8.37
C LEU B 31 -0.33 -2.65 -8.32
N ILE B 32 0.20 -1.53 -7.87
CA ILE B 32 -0.58 -0.31 -7.78
C ILE B 32 -0.71 0.34 -9.16
N GLU B 33 0.41 0.54 -9.81
CA GLU B 33 0.40 1.15 -11.15
C GLU B 33 -0.59 0.42 -12.05
N GLU B 34 -0.80 -0.86 -11.78
CA GLU B 34 -1.73 -1.65 -12.56
C GLU B 34 -3.15 -1.08 -12.49
N THR B 35 -3.64 -0.91 -11.25
CA THR B 35 -4.99 -0.37 -11.06
C THR B 35 -5.02 1.12 -11.37
N GLY B 36 -3.87 1.66 -11.76
CA GLY B 36 -3.78 3.08 -12.09
C GLY B 36 -4.52 3.93 -11.06
N HIS B 37 -4.61 3.43 -9.84
CA HIS B 37 -5.29 4.14 -8.76
C HIS B 37 -4.30 4.56 -7.68
N PHE B 38 -3.84 5.81 -7.74
CA PHE B 38 -2.90 6.33 -6.76
C PHE B 38 -2.68 7.83 -6.94
N HIS B 39 -1.78 8.39 -6.16
CA HIS B 39 -1.49 9.82 -6.26
C HIS B 39 0.01 10.08 -6.10
N ILE B 40 0.68 10.31 -7.23
CA ILE B 40 2.12 10.58 -7.21
C ILE B 40 2.38 12.07 -7.10
N THR B 41 3.16 12.44 -6.08
CA THR B 41 3.50 13.84 -5.86
C THR B 41 4.68 14.25 -6.73
N ASN B 42 4.79 15.54 -7.01
CA ASN B 42 5.86 16.07 -7.84
C ASN B 42 7.22 15.73 -7.23
N THR B 43 7.25 15.61 -5.90
CA THR B 43 8.50 15.30 -5.20
C THR B 43 8.27 14.19 -4.18
N THR B 44 7.25 13.37 -4.43
CA THR B 44 6.93 12.27 -3.52
C THR B 44 5.95 11.31 -4.17
N PHE B 45 5.79 10.13 -3.56
CA PHE B 45 4.87 9.13 -4.09
C PHE B 45 3.97 8.59 -2.98
N ASP B 46 2.66 8.74 -3.15
CA ASP B 46 1.70 8.27 -2.16
C ASP B 46 0.48 7.67 -2.84
N PHE B 47 -0.26 6.86 -2.10
CA PHE B 47 -1.46 6.22 -2.64
C PHE B 47 -2.47 5.96 -1.53
N ASP B 48 -3.75 6.22 -1.83
CA ASP B 48 -4.80 6.02 -0.85
C ASP B 48 -5.23 4.55 -0.83
N LEU B 49 -5.45 4.03 0.37
CA LEU B 49 -5.88 2.64 0.55
C LEU B 49 -7.36 2.49 0.26
N CYS B 50 -8.14 3.50 0.63
CA CYS B 50 -9.57 3.45 0.39
C CYS B 50 -9.88 3.75 -1.07
N SER B 51 -8.84 3.77 -1.90
CA SER B 51 -9.01 4.05 -3.33
C SER B 51 -8.80 2.80 -4.16
N LEU B 52 -7.97 1.89 -3.64
CA LEU B 52 -7.69 0.64 -4.35
C LEU B 52 -8.93 -0.26 -4.33
N ASP B 53 -9.14 -0.97 -5.43
CA ASP B 53 -10.28 -1.87 -5.53
C ASP B 53 -10.01 -3.17 -4.79
N LYS B 54 -10.87 -4.15 -4.98
CA LYS B 54 -10.71 -5.45 -4.32
C LYS B 54 -9.55 -6.22 -4.94
N THR B 55 -9.37 -6.07 -6.25
CA THR B 55 -8.30 -6.76 -6.94
C THR B 55 -6.96 -6.47 -6.29
N THR B 56 -6.60 -5.20 -6.21
CA THR B 56 -5.34 -4.81 -5.61
C THR B 56 -5.27 -5.24 -4.15
N VAL B 57 -6.33 -4.96 -3.41
CA VAL B 57 -6.38 -5.31 -1.99
C VAL B 57 -6.09 -6.78 -1.79
N ARG B 58 -6.66 -7.61 -2.66
CA ARG B 58 -6.47 -9.05 -2.57
C ARG B 58 -5.01 -9.39 -2.82
N LYS B 59 -4.43 -8.76 -3.84
CA LYS B 59 -3.04 -9.02 -4.18
C LYS B 59 -2.10 -8.60 -3.05
N LEU B 60 -2.41 -7.47 -2.44
CA LEU B 60 -1.59 -6.98 -1.33
C LEU B 60 -1.65 -7.93 -0.16
N GLN B 61 -2.85 -8.41 0.16
CA GLN B 61 -3.04 -9.33 1.27
C GLN B 61 -2.19 -10.58 1.07
N SER B 62 -2.16 -11.08 -0.17
CA SER B 62 -1.38 -12.28 -0.48
C SER B 62 0.10 -12.01 -0.29
N TYR B 63 0.56 -10.84 -0.74
CA TYR B 63 1.96 -10.48 -0.62
C TYR B 63 2.43 -10.65 0.82
N LEU B 64 1.65 -10.14 1.76
CA LEU B 64 2.00 -10.25 3.17
C LEU B 64 2.04 -11.71 3.61
N GLU B 65 1.08 -12.50 3.13
CA GLU B 65 1.02 -13.91 3.47
C GLU B 65 2.27 -14.63 3.00
N THR B 66 2.20 -15.17 1.78
CA THR B 66 3.33 -15.89 1.21
C THR B 66 4.62 -15.10 1.43
N SER B 67 5.32 -15.41 2.52
CA SER B 67 6.57 -14.72 2.85
C SER B 67 7.70 -15.73 2.97
N GLY B 68 8.01 -16.40 1.87
CA GLY B 68 9.09 -17.39 1.86
C GLY B 68 10.45 -16.71 1.94
N THR B 69 11.00 -16.35 0.78
CA THR B 69 12.29 -15.69 0.72
C THR B 69 12.22 -14.31 1.35
N SER B 70 13.02 -14.09 2.40
CA SER B 70 13.04 -12.80 3.07
C SER B 70 14.19 -12.74 4.06
#